data_3DG8
#
_entry.id   3DG8
#
_cell.length_a   56.516
_cell.length_b   155.404
_cell.length_c   165.183
_cell.angle_alpha   90.00
_cell.angle_beta   90.00
_cell.angle_gamma   90.00
#
_symmetry.space_group_name_H-M   'P 21 21 21'
#
loop_
_entity.id
_entity.type
_entity.pdbx_description
1 polymer 'Bifunctional dihydrofolate reductase-thymidylate synthase'
2 polymer 'Bifunctional dihydrofolate reductase-thymidylate synthase'
3 non-polymer 'N-(3,5-dimethoxyphenyl)imidodicarbonimidic diamide'
4 non-polymer 'NADPH DIHYDRO-NICOTINAMIDE-ADENINE-DINUCLEOTIDE PHOSPHATE'
5 non-polymer "2'-DEOXYURIDINE 5'-MONOPHOSPHATE"
6 water water
#
loop_
_entity_poly.entity_id
_entity_poly.type
_entity_poly.pdbx_seq_one_letter_code
_entity_poly.pdbx_strand_id
1 'polypeptide(L)'
;MMEQVCDVFDIYAICACCKVESKNEGKKNEVFNNYTFRGLGNKGVLPWKCISLDMKYFRAVTTYVNESKYEKLKYKRCKY
LNKETVDNVNDMPNSKKLQNVVVMGRTNWESIPKKFKPLSNRINVILSRTLKKEDFDEDVYIINKVEDLIVLLGKLNYYK
CFILGGSVVYQEFLEKKLIKKIYFTRINSTYECDVFFPEINENEYQIISVSDVYTSNNTTLDFIIYKKTNNKMLNEQNCI
KGEEKNNDMPLKNDDKDTCHMKKLTEFYKNVDKYKINYEN
;
A,B
2 'polypeptide(L)'
;DDDDEEEDDFVYFNFNKEKEEKNKNSIHPNDFQIYNSLKYKYHPEYQYLNIIYDIMMNGNKQSDRTGVGVLSKFGYIMKF
DLSQYFPLLTTKKLFLRGIIEELLWFIRGETNGNTLLNKNVRIWEANGTREFLDNRKLFHREVNDLGPIYGFQWRHFGAE
YTNMYDNYENKGVDQLKNIINLIKNDPTSRRILLCAWNVKDLDQMALPPCHILCQFYVFDGKLSCIMYQRSCDLGLGVPF
NIASYSIFTHMIAQVCNLQPAQFIHVLGNAHVYNNHIDSLKIQLNRIPYPFPTLKLNPDIKNIEDFTISDFTIQNYVHHE
KISMDMAA
;
C,D
#
loop_
_chem_comp.id
_chem_comp.type
_chem_comp.name
_chem_comp.formula
NDP non-polymer 'NADPH DIHYDRO-NICOTINAMIDE-ADENINE-DINUCLEOTIDE PHOSPHATE' 'C21 H30 N7 O17 P3'
RJ6 non-polymer 'N-(3,5-dimethoxyphenyl)imidodicarbonimidic diamide' 'C10 H15 N5 O2'
UMP non-polymer '2'-DEOXYURIDINE 5'-MONOPHOSPHATE' 'C9 H13 N2 O8 P'
#
# COMPACT_ATOMS: atom_id res chain seq x y z
N MET A 1 8.90 33.63 -31.46
CA MET A 1 7.56 32.97 -31.30
C MET A 1 7.43 31.81 -32.28
N MET A 2 7.07 30.63 -31.77
CA MET A 2 6.94 29.45 -32.63
C MET A 2 6.33 28.22 -31.97
N GLU A 3 5.70 27.38 -32.80
CA GLU A 3 5.09 26.13 -32.37
C GLU A 3 5.84 24.98 -33.05
N GLN A 4 6.05 23.89 -32.32
CA GLN A 4 6.79 22.76 -32.87
C GLN A 4 5.99 21.68 -33.58
N VAL A 5 6.44 21.33 -34.77
CA VAL A 5 5.81 20.32 -35.60
C VAL A 5 5.58 19.00 -34.89
N CYS A 6 6.45 18.64 -33.96
CA CYS A 6 6.31 17.37 -33.24
C CYS A 6 5.16 17.40 -32.23
N ASP A 7 4.90 18.57 -31.65
CA ASP A 7 3.82 18.70 -30.68
C ASP A 7 2.48 18.77 -31.41
N VAL A 8 2.48 19.47 -32.54
CA VAL A 8 1.28 19.65 -33.34
C VAL A 8 0.76 18.36 -33.95
N PHE A 9 1.64 17.63 -34.63
CA PHE A 9 1.24 16.41 -35.28
C PHE A 9 1.45 15.16 -34.44
N ASP A 10 1.90 15.34 -33.21
CA ASP A 10 2.13 14.24 -32.27
C ASP A 10 2.87 13.06 -32.90
N ILE A 11 4.10 13.31 -33.31
CA ILE A 11 4.94 12.29 -33.91
C ILE A 11 5.77 11.61 -32.80
N TYR A 12 5.64 10.29 -32.70
CA TYR A 12 6.35 9.52 -31.69
C TYR A 12 7.14 8.41 -32.36
N ALA A 13 8.07 7.83 -31.60
CA ALA A 13 8.87 6.73 -32.09
C ALA A 13 8.69 5.58 -31.09
N ILE A 14 8.66 4.36 -31.60
CA ILE A 14 8.52 3.19 -30.75
C ILE A 14 9.54 2.19 -31.25
N CYS A 15 10.23 1.55 -30.33
CA CYS A 15 11.24 0.57 -30.68
C CYS A 15 11.49 -0.44 -29.59
N ALA A 16 12.27 -1.46 -29.94
CA ALA A 16 12.67 -2.53 -29.02
C ALA A 16 14.17 -2.75 -29.26
N CYS A 17 14.97 -2.74 -28.20
CA CYS A 17 16.41 -2.93 -28.36
C CYS A 17 17.01 -3.93 -27.40
N CYS A 18 17.85 -4.82 -27.92
CA CYS A 18 18.50 -5.81 -27.08
C CYS A 18 19.94 -5.32 -26.84
N LYS A 19 20.73 -6.11 -26.11
CA LYS A 19 22.11 -5.75 -25.84
C LYS A 19 22.99 -6.28 -26.96
N VAL A 20 23.98 -5.50 -27.37
CA VAL A 20 24.87 -5.88 -28.46
C VAL A 20 25.99 -6.83 -28.10
N GLU A 21 26.24 -7.77 -29.01
CA GLU A 21 27.27 -8.78 -28.82
C GLU A 21 28.68 -8.23 -28.99
N SER A 22 29.21 -7.61 -27.94
CA SER A 22 30.56 -7.06 -27.98
C SER A 22 31.45 -7.98 -27.15
N LYS A 23 31.76 -9.15 -27.72
CA LYS A 23 32.58 -10.15 -27.07
C LYS A 23 33.77 -9.59 -26.28
N ASN A 24 34.49 -8.63 -26.87
CA ASN A 24 35.63 -8.03 -26.19
C ASN A 24 35.16 -7.34 -24.92
N GLU A 25 35.52 -7.94 -23.78
CA GLU A 25 35.11 -7.42 -22.47
C GLU A 25 33.61 -7.44 -22.34
N GLY A 26 33.01 -8.48 -22.90
CA GLY A 26 31.56 -8.61 -22.84
C GLY A 26 31.07 -9.07 -21.47
N LYS A 27 32.00 -9.35 -20.55
CA LYS A 27 31.65 -9.75 -19.20
C LYS A 27 32.11 -8.84 -18.06
N LYS A 28 33.24 -9.26 -17.52
CA LYS A 28 33.96 -8.66 -16.40
C LYS A 28 33.59 -7.37 -15.68
N ASN A 29 34.34 -6.36 -16.11
CA ASN A 29 34.38 -4.98 -15.67
C ASN A 29 34.02 -4.13 -16.85
N GLU A 30 32.75 -4.22 -17.27
CA GLU A 30 32.27 -3.43 -18.39
C GLU A 30 31.31 -2.46 -17.78
N VAL A 31 31.30 -1.24 -18.31
CA VAL A 31 30.43 -0.19 -17.82
C VAL A 31 29.10 -0.28 -18.55
N PHE A 32 28.02 0.00 -17.84
CA PHE A 32 26.70 -0.06 -18.44
C PHE A 32 26.09 1.33 -18.50
N ASN A 33 25.18 1.51 -19.45
CA ASN A 33 24.48 2.77 -19.65
C ASN A 33 23.31 2.50 -20.60
N ASN A 34 22.44 3.48 -20.77
CA ASN A 34 21.26 3.31 -21.63
C ASN A 34 21.59 2.91 -23.06
N TYR A 35 22.85 3.10 -23.44
CA TYR A 35 23.29 2.75 -24.79
C TYR A 35 23.65 1.26 -24.89
N THR A 36 23.44 0.53 -23.79
CA THR A 36 23.71 -0.91 -23.76
C THR A 36 22.63 -1.59 -24.58
N PHE A 37 21.45 -0.99 -24.59
CA PHE A 37 20.30 -1.51 -25.33
C PHE A 37 20.23 -0.71 -26.63
N ARG A 38 20.77 -1.28 -27.71
CA ARG A 38 20.79 -0.59 -29.00
C ARG A 38 20.66 -1.51 -30.21
N GLY A 39 20.55 -2.81 -29.98
CA GLY A 39 20.43 -3.74 -31.09
C GLY A 39 19.05 -3.72 -31.70
N LEU A 40 18.94 -3.22 -32.93
CA LEU A 40 17.65 -3.15 -33.62
C LEU A 40 17.31 -4.37 -34.44
N GLY A 41 18.24 -4.80 -35.28
CA GLY A 41 17.97 -5.95 -36.12
C GLY A 41 19.23 -6.64 -36.59
N ASN A 42 19.03 -7.79 -37.24
CA ASN A 42 20.13 -8.56 -37.76
C ASN A 42 19.72 -9.22 -39.09
N LYS A 43 20.46 -8.91 -40.14
CA LYS A 43 20.20 -9.48 -41.46
C LYS A 43 18.76 -9.27 -41.93
N GLY A 44 18.36 -8.00 -42.01
CA GLY A 44 17.02 -7.67 -42.49
C GLY A 44 15.85 -8.07 -41.62
N VAL A 45 16.11 -8.63 -40.44
CA VAL A 45 15.04 -9.05 -39.54
C VAL A 45 15.41 -8.79 -38.08
N LEU A 46 14.59 -9.31 -37.16
CA LEU A 46 14.86 -9.12 -35.73
C LEU A 46 15.97 -10.02 -35.21
N PRO A 47 16.73 -9.54 -34.22
CA PRO A 47 17.82 -10.34 -33.65
C PRO A 47 17.29 -11.55 -32.87
N TRP A 48 16.07 -11.42 -32.37
CA TRP A 48 15.43 -12.48 -31.60
C TRP A 48 14.30 -13.16 -32.38
N LYS A 49 13.94 -14.38 -31.99
CA LYS A 49 12.88 -15.14 -32.69
C LYS A 49 11.48 -14.57 -32.55
N CYS A 50 11.02 -14.45 -31.30
CA CYS A 50 9.71 -13.91 -31.02
C CYS A 50 9.56 -13.62 -29.55
N ILE A 51 9.36 -12.36 -29.21
CA ILE A 51 9.15 -11.96 -27.84
C ILE A 51 7.71 -11.44 -27.85
N SER A 52 6.77 -12.38 -27.68
CA SER A 52 5.35 -12.08 -27.71
C SER A 52 4.87 -10.90 -26.88
N LEU A 53 5.44 -10.70 -25.70
CA LEU A 53 5.00 -9.61 -24.86
C LEU A 53 5.32 -8.25 -25.46
N ASP A 54 6.42 -8.16 -26.20
CA ASP A 54 6.79 -6.90 -26.84
C ASP A 54 5.84 -6.63 -28.01
N MET A 55 5.39 -7.68 -28.68
CA MET A 55 4.47 -7.54 -29.80
C MET A 55 3.12 -7.06 -29.30
N LYS A 56 2.64 -7.66 -28.22
CA LYS A 56 1.36 -7.28 -27.66
C LYS A 56 1.43 -5.80 -27.24
N TYR A 57 2.55 -5.40 -26.66
CA TYR A 57 2.75 -4.02 -26.23
C TYR A 57 2.82 -3.10 -27.45
N PHE A 58 3.57 -3.52 -28.46
CA PHE A 58 3.72 -2.75 -29.68
C PHE A 58 2.36 -2.52 -30.32
N ARG A 59 1.56 -3.57 -30.38
CA ARG A 59 0.23 -3.47 -30.99
C ARG A 59 -0.72 -2.55 -30.20
N ALA A 60 -0.69 -2.64 -28.88
CA ALA A 60 -1.58 -1.83 -28.05
C ALA A 60 -1.27 -0.34 -28.20
N VAL A 61 0.01 0.02 -28.18
CA VAL A 61 0.38 1.43 -28.32
C VAL A 61 0.06 2.00 -29.70
N THR A 62 0.46 1.29 -30.75
CA THR A 62 0.23 1.77 -32.11
C THR A 62 -1.22 1.69 -32.61
N THR A 63 -2.09 0.93 -31.97
CA THR A 63 -3.49 0.90 -32.43
C THR A 63 -4.45 1.69 -31.54
N TYR A 64 -4.04 1.96 -30.30
CA TYR A 64 -4.91 2.71 -29.38
C TYR A 64 -5.13 4.17 -29.76
N VAL A 65 -6.38 4.59 -29.70
CA VAL A 65 -6.76 5.97 -30.01
C VAL A 65 -7.80 6.39 -28.98
N ASN A 66 -7.87 7.68 -28.71
CA ASN A 66 -8.86 8.21 -27.77
C ASN A 66 -9.72 9.19 -28.55
N GLU A 67 -10.81 8.69 -29.12
CA GLU A 67 -11.71 9.50 -29.92
C GLU A 67 -12.24 10.74 -29.20
N SER A 68 -12.32 10.69 -27.88
CA SER A 68 -12.81 11.84 -27.13
C SER A 68 -11.75 12.93 -26.99
N LYS A 69 -10.59 12.72 -27.59
CA LYS A 69 -9.51 13.71 -27.51
C LYS A 69 -9.13 14.24 -28.89
N TYR A 70 -9.64 13.61 -29.94
CA TYR A 70 -9.30 14.02 -31.30
C TYR A 70 -9.61 15.49 -31.59
N GLU A 71 -10.86 15.89 -31.38
CA GLU A 71 -11.25 17.27 -31.65
C GLU A 71 -10.28 18.27 -31.05
N LYS A 72 -9.76 17.94 -29.87
CA LYS A 72 -8.79 18.80 -29.22
C LYS A 72 -7.56 18.89 -30.13
N LEU A 73 -7.18 17.74 -30.69
CA LEU A 73 -6.04 17.63 -31.59
C LEU A 73 -6.35 18.24 -32.95
N LYS A 74 -7.55 18.01 -33.44
CA LYS A 74 -7.94 18.56 -34.74
C LYS A 74 -7.80 20.07 -34.70
N TYR A 75 -8.44 20.69 -33.72
CA TYR A 75 -8.37 22.14 -33.57
C TYR A 75 -6.93 22.62 -33.65
N LYS A 76 -6.07 22.01 -32.83
CA LYS A 76 -4.65 22.35 -32.78
C LYS A 76 -3.99 22.35 -34.15
N ARG A 77 -4.11 21.22 -34.85
CA ARG A 77 -3.52 21.05 -36.17
C ARG A 77 -4.09 22.03 -37.18
N CYS A 78 -5.41 22.12 -37.24
CA CYS A 78 -6.05 23.03 -38.18
C CYS A 78 -5.64 24.47 -37.87
N LYS A 79 -5.44 24.75 -36.59
CA LYS A 79 -5.03 26.09 -36.18
C LYS A 79 -3.62 26.38 -36.69
N TYR A 80 -2.72 25.43 -36.51
CA TYR A 80 -1.34 25.58 -36.95
C TYR A 80 -1.20 25.76 -38.45
N LEU A 81 -2.00 25.02 -39.21
CA LEU A 81 -1.97 25.11 -40.67
C LEU A 81 -2.81 26.28 -41.16
N ASN A 82 -3.41 27.00 -40.22
CA ASN A 82 -4.25 28.15 -40.52
C ASN A 82 -5.46 27.74 -41.36
N LYS A 83 -6.26 26.86 -40.79
CA LYS A 83 -7.46 26.34 -41.43
C LYS A 83 -8.57 26.45 -40.38
N GLU A 84 -9.67 25.75 -40.58
CA GLU A 84 -10.78 25.78 -39.62
C GLU A 84 -11.25 24.39 -39.21
N THR A 85 -12.26 24.35 -38.34
CA THR A 85 -12.81 23.09 -37.84
C THR A 85 -13.36 22.23 -38.99
N LYS A 96 -13.92 6.57 -41.60
CA LYS A 96 -14.31 5.46 -40.69
C LYS A 96 -13.82 5.72 -39.27
N LYS A 97 -13.51 4.65 -38.54
CA LYS A 97 -13.02 4.75 -37.17
C LYS A 97 -11.64 5.42 -37.11
N LEU A 98 -11.43 6.27 -36.10
CA LEU A 98 -10.15 6.95 -35.96
C LEU A 98 -9.00 5.97 -35.78
N GLN A 99 -7.91 6.21 -36.50
CA GLN A 99 -6.74 5.35 -36.44
C GLN A 99 -5.45 6.15 -36.25
N ASN A 100 -4.39 5.45 -35.89
CA ASN A 100 -3.08 6.07 -35.74
C ASN A 100 -2.36 5.86 -37.05
N VAL A 101 -1.28 6.59 -37.25
CA VAL A 101 -0.49 6.47 -38.47
C VAL A 101 0.84 5.83 -38.08
N VAL A 102 1.30 4.86 -38.86
CA VAL A 102 2.58 4.23 -38.59
C VAL A 102 3.46 4.43 -39.82
N VAL A 103 4.69 4.89 -39.60
CA VAL A 103 5.61 5.16 -40.68
C VAL A 103 6.82 4.23 -40.61
N MET A 104 7.21 3.66 -41.74
CA MET A 104 8.36 2.78 -41.73
C MET A 104 9.24 2.87 -42.97
N GLY A 105 10.51 2.57 -42.79
CA GLY A 105 11.44 2.59 -43.91
C GLY A 105 11.15 1.41 -44.81
N ARG A 106 11.62 1.44 -46.05
CA ARG A 106 11.36 0.37 -46.99
C ARG A 106 11.90 -0.98 -46.51
N THR A 107 13.09 -0.95 -45.91
CA THR A 107 13.71 -2.18 -45.44
C THR A 107 12.89 -2.71 -44.28
N ASN A 108 12.35 -1.79 -43.50
CA ASN A 108 11.54 -2.18 -42.37
C ASN A 108 10.27 -2.88 -42.90
N TRP A 109 9.68 -2.30 -43.94
CA TRP A 109 8.47 -2.84 -44.54
C TRP A 109 8.59 -4.23 -45.14
N GLU A 110 9.66 -4.48 -45.89
CA GLU A 110 9.85 -5.77 -46.51
C GLU A 110 10.17 -6.86 -45.50
N SER A 111 10.65 -6.48 -44.33
CA SER A 111 10.98 -7.47 -43.31
C SER A 111 9.74 -8.01 -42.64
N ILE A 112 8.58 -7.46 -43.01
CA ILE A 112 7.33 -7.90 -42.43
C ILE A 112 6.72 -9.05 -43.22
N PRO A 113 6.18 -10.07 -42.51
CA PRO A 113 5.57 -11.23 -43.16
C PRO A 113 4.32 -10.79 -43.92
N LYS A 114 4.25 -11.15 -45.20
CA LYS A 114 3.11 -10.78 -46.04
C LYS A 114 1.75 -10.83 -45.32
N LYS A 115 1.49 -11.91 -44.59
CA LYS A 115 0.22 -12.06 -43.90
C LYS A 115 -0.09 -10.97 -42.90
N PHE A 116 0.90 -10.15 -42.57
CA PHE A 116 0.72 -9.06 -41.62
C PHE A 116 0.89 -7.66 -42.21
N LYS A 117 0.86 -7.57 -43.53
CA LYS A 117 0.99 -6.29 -44.23
C LYS A 117 -0.29 -6.03 -44.99
N PRO A 118 -0.87 -4.83 -44.85
CA PRO A 118 -0.33 -3.76 -43.99
C PRO A 118 -0.78 -3.94 -42.53
N LEU A 119 -0.11 -3.28 -41.61
CA LEU A 119 -0.48 -3.39 -40.20
C LEU A 119 -1.96 -3.10 -40.00
N SER A 120 -2.66 -4.08 -39.45
CA SER A 120 -4.10 -3.97 -39.20
C SER A 120 -4.48 -2.76 -38.35
N ASN A 121 -5.63 -2.18 -38.68
CA ASN A 121 -6.18 -1.03 -37.97
C ASN A 121 -5.26 0.18 -37.86
N ARG A 122 -4.32 0.31 -38.79
CA ARG A 122 -3.41 1.44 -38.78
C ARG A 122 -3.21 1.99 -40.19
N ILE A 123 -2.94 3.29 -40.27
CA ILE A 123 -2.69 3.94 -41.54
C ILE A 123 -1.21 3.74 -41.82
N ASN A 124 -0.90 2.81 -42.72
CA ASN A 124 0.48 2.49 -43.06
C ASN A 124 1.13 3.46 -44.05
N VAL A 125 2.28 4.00 -43.66
CA VAL A 125 3.05 4.94 -44.48
C VAL A 125 4.46 4.38 -44.67
N ILE A 126 4.96 4.42 -45.89
CA ILE A 126 6.28 3.88 -46.17
C ILE A 126 7.20 4.92 -46.80
N LEU A 127 8.41 5.03 -46.29
CA LEU A 127 9.41 5.96 -46.82
C LEU A 127 10.29 5.24 -47.83
N SER A 128 10.36 5.75 -49.06
CA SER A 128 11.18 5.10 -50.09
C SER A 128 11.45 5.98 -51.29
N ARG A 129 12.60 5.73 -51.93
CA ARG A 129 12.99 6.46 -53.12
C ARG A 129 12.99 5.47 -54.27
N THR A 130 13.57 4.29 -54.05
CA THR A 130 13.62 3.26 -55.09
C THR A 130 12.27 2.68 -55.51
N LEU A 131 11.26 2.75 -54.64
CA LEU A 131 9.95 2.20 -54.95
C LEU A 131 8.86 3.28 -55.00
N LYS A 132 7.83 3.04 -55.80
CA LYS A 132 6.73 3.99 -55.91
C LYS A 132 5.41 3.27 -55.73
N LYS A 133 4.34 4.03 -55.53
CA LYS A 133 3.02 3.46 -55.32
C LYS A 133 2.75 2.24 -56.19
N GLU A 134 3.08 2.32 -57.48
CA GLU A 134 2.85 1.23 -58.43
C GLU A 134 3.58 -0.07 -58.07
N ASP A 135 4.54 0.01 -57.17
CA ASP A 135 5.28 -1.17 -56.78
C ASP A 135 4.61 -1.86 -55.59
N PHE A 136 3.48 -1.32 -55.14
CA PHE A 136 2.79 -1.93 -54.01
C PHE A 136 1.35 -2.30 -54.34
N ASP A 137 0.91 -3.40 -53.74
CA ASP A 137 -0.44 -3.89 -53.93
C ASP A 137 -1.30 -3.52 -52.72
N GLU A 138 -0.64 -3.36 -51.57
CA GLU A 138 -1.33 -3.04 -50.31
C GLU A 138 -1.88 -1.63 -50.19
N ASP A 139 -2.77 -1.46 -49.21
CA ASP A 139 -3.39 -0.19 -48.91
C ASP A 139 -2.41 0.59 -48.03
N VAL A 140 -1.47 1.26 -48.68
CA VAL A 140 -0.47 2.05 -47.96
C VAL A 140 -0.08 3.32 -48.70
N TYR A 141 0.47 4.28 -47.97
CA TYR A 141 0.91 5.54 -48.56
C TYR A 141 2.41 5.43 -48.80
N ILE A 142 2.86 5.93 -49.95
CA ILE A 142 4.29 5.92 -50.27
C ILE A 142 4.81 7.36 -50.37
N ILE A 143 5.83 7.70 -49.57
CA ILE A 143 6.40 9.05 -49.63
C ILE A 143 7.90 8.98 -49.81
N ASN A 144 8.49 9.97 -50.49
CA ASN A 144 9.93 9.96 -50.75
C ASN A 144 10.75 11.01 -50.02
N LYS A 145 10.11 11.80 -49.16
CA LYS A 145 10.83 12.82 -48.39
C LYS A 145 10.17 12.88 -47.03
N VAL A 146 10.90 13.36 -46.03
CA VAL A 146 10.37 13.50 -44.69
C VAL A 146 9.34 14.62 -44.68
N GLU A 147 9.49 15.55 -45.62
CA GLU A 147 8.56 16.67 -45.71
C GLU A 147 7.15 16.20 -46.10
N ASP A 148 7.10 15.22 -47.00
CA ASP A 148 5.80 14.72 -47.46
C ASP A 148 4.98 14.14 -46.31
N LEU A 149 5.65 13.65 -45.27
CA LEU A 149 4.93 13.09 -44.13
C LEU A 149 4.16 14.22 -43.46
N ILE A 150 4.84 15.34 -43.24
CA ILE A 150 4.21 16.48 -42.61
C ILE A 150 3.02 16.89 -43.47
N VAL A 151 3.24 16.91 -44.78
CA VAL A 151 2.20 17.28 -45.73
C VAL A 151 1.01 16.33 -45.59
N LEU A 152 1.32 15.04 -45.60
CA LEU A 152 0.28 14.02 -45.47
C LEU A 152 -0.47 14.14 -44.14
N LEU A 153 0.28 14.38 -43.07
CA LEU A 153 -0.33 14.49 -41.75
C LEU A 153 -1.32 15.63 -41.67
N GLY A 154 -1.03 16.72 -42.37
CA GLY A 154 -1.93 17.86 -42.36
C GLY A 154 -3.23 17.59 -43.10
N LYS A 155 -3.23 16.56 -43.95
CA LYS A 155 -4.41 16.19 -44.74
C LYS A 155 -5.24 15.07 -44.11
N LEU A 156 -4.61 14.15 -43.41
CA LEU A 156 -5.33 13.02 -42.81
C LEU A 156 -6.00 13.28 -41.45
N ASN A 157 -6.96 12.41 -41.13
CA ASN A 157 -7.64 12.43 -39.86
C ASN A 157 -7.04 11.23 -39.14
N TYR A 158 -6.22 11.50 -38.13
CA TYR A 158 -5.58 10.41 -37.40
C TYR A 158 -5.41 10.82 -35.96
N TYR A 159 -5.11 9.85 -35.12
CA TYR A 159 -4.91 10.12 -33.72
C TYR A 159 -3.45 10.52 -33.45
N LYS A 160 -2.57 9.54 -33.47
CA LYS A 160 -1.15 9.77 -33.26
C LYS A 160 -0.31 9.15 -34.38
N CYS A 161 0.91 9.62 -34.55
CA CYS A 161 1.80 9.10 -35.59
C CYS A 161 3.05 8.46 -35.00
N PHE A 162 3.26 7.18 -35.29
CA PHE A 162 4.38 6.44 -34.77
C PHE A 162 5.40 6.05 -35.84
N ILE A 163 6.67 6.34 -35.56
CA ILE A 163 7.77 6.02 -36.46
C ILE A 163 8.22 4.61 -36.07
N LEU A 164 7.69 3.61 -36.77
CA LEU A 164 8.01 2.21 -36.49
C LEU A 164 9.46 1.89 -36.70
N GLY A 165 10.13 2.70 -37.49
CA GLY A 165 11.54 2.43 -37.64
C GLY A 165 12.26 2.06 -38.89
N GLY A 166 13.49 1.69 -38.57
CA GLY A 166 14.52 1.27 -39.49
C GLY A 166 15.57 2.18 -38.84
N SER A 167 16.81 1.73 -38.69
CA SER A 167 17.81 2.57 -38.05
C SER A 167 17.91 3.91 -38.78
N VAL A 168 17.95 3.84 -40.10
CA VAL A 168 18.03 5.04 -40.93
C VAL A 168 16.87 5.96 -40.62
N VAL A 169 15.65 5.42 -40.66
CA VAL A 169 14.47 6.22 -40.39
C VAL A 169 14.50 6.85 -38.99
N TYR A 170 14.91 6.07 -37.98
CA TYR A 170 15.00 6.57 -36.61
C TYR A 170 15.99 7.73 -36.54
N GLN A 171 17.18 7.49 -37.06
CA GLN A 171 18.26 8.48 -37.05
C GLN A 171 17.84 9.84 -37.60
N GLU A 172 17.27 9.86 -38.80
CA GLU A 172 16.88 11.12 -39.40
C GLU A 172 15.73 11.85 -38.73
N PHE A 173 14.84 11.11 -38.06
CA PHE A 173 13.73 11.77 -37.39
C PHE A 173 14.16 12.39 -36.07
N LEU A 174 15.12 11.75 -35.41
CA LEU A 174 15.63 12.26 -34.14
C LEU A 174 16.52 13.47 -34.36
N GLU A 175 17.39 13.39 -35.36
CA GLU A 175 18.29 14.50 -35.67
C GLU A 175 17.46 15.75 -35.93
N LYS A 176 16.31 15.56 -36.57
CA LYS A 176 15.42 16.67 -36.89
C LYS A 176 14.48 17.02 -35.74
N LYS A 177 14.67 16.34 -34.60
CA LYS A 177 13.86 16.59 -33.42
C LYS A 177 12.37 16.56 -33.71
N LEU A 178 11.95 15.62 -34.55
CA LEU A 178 10.53 15.47 -34.91
C LEU A 178 9.85 14.48 -33.98
N ILE A 179 10.59 13.96 -33.00
CA ILE A 179 10.05 13.00 -32.05
C ILE A 179 9.68 13.66 -30.72
N LYS A 180 8.43 13.49 -30.31
CA LYS A 180 7.93 14.06 -29.07
C LYS A 180 8.28 13.15 -27.89
N LYS A 181 8.23 11.85 -28.12
CA LYS A 181 8.56 10.86 -27.11
C LYS A 181 9.04 9.59 -27.80
N ILE A 182 9.76 8.76 -27.05
CA ILE A 182 10.27 7.50 -27.56
C ILE A 182 9.85 6.36 -26.64
N TYR A 183 9.06 5.42 -27.18
CA TYR A 183 8.62 4.26 -26.42
C TYR A 183 9.69 3.23 -26.72
N PHE A 184 10.55 3.01 -25.73
CA PHE A 184 11.70 2.12 -25.85
C PHE A 184 11.57 0.83 -25.05
N THR A 185 11.56 -0.30 -25.76
CA THR A 185 11.46 -1.58 -25.10
C THR A 185 12.87 -2.08 -24.90
N ARG A 186 13.22 -2.40 -23.66
CA ARG A 186 14.56 -2.88 -23.37
C ARG A 186 14.56 -4.39 -23.22
N ILE A 187 15.13 -5.07 -24.22
CA ILE A 187 15.24 -6.52 -24.23
C ILE A 187 16.51 -6.84 -23.45
N ASN A 188 16.38 -7.47 -22.28
CA ASN A 188 17.56 -7.77 -21.48
C ASN A 188 18.26 -9.08 -21.83
N SER A 189 18.70 -9.18 -23.07
CA SER A 189 19.42 -10.36 -23.57
C SER A 189 20.27 -9.94 -24.76
N THR A 190 21.36 -10.66 -24.99
CA THR A 190 22.26 -10.35 -26.08
C THR A 190 21.97 -11.15 -27.34
N TYR A 191 22.13 -10.51 -28.49
CA TYR A 191 21.91 -11.13 -29.78
C TYR A 191 22.87 -10.54 -30.81
N GLU A 192 22.96 -11.18 -31.97
CA GLU A 192 23.83 -10.71 -33.04
C GLU A 192 23.06 -9.64 -33.80
N CYS A 193 23.67 -8.49 -34.01
CA CYS A 193 23.00 -7.40 -34.70
C CYS A 193 23.91 -6.67 -35.68
N ASP A 194 23.30 -6.19 -36.77
CA ASP A 194 24.05 -5.43 -37.77
C ASP A 194 23.50 -4.01 -37.93
N VAL A 195 22.36 -3.72 -37.30
CA VAL A 195 21.76 -2.38 -37.33
C VAL A 195 21.44 -2.00 -35.89
N PHE A 196 21.72 -0.75 -35.53
CA PHE A 196 21.50 -0.30 -34.16
C PHE A 196 20.72 0.99 -34.07
N PHE A 197 20.06 1.17 -32.94
CA PHE A 197 19.27 2.36 -32.69
C PHE A 197 20.26 3.49 -32.49
N PRO A 198 19.95 4.68 -33.00
CA PRO A 198 20.88 5.80 -32.82
C PRO A 198 21.15 6.08 -31.35
N GLU A 199 22.32 6.63 -31.06
CA GLU A 199 22.65 6.98 -29.68
C GLU A 199 21.77 8.17 -29.30
N ILE A 200 21.03 8.05 -28.21
CA ILE A 200 20.14 9.11 -27.75
C ILE A 200 20.89 10.16 -26.93
N ASN A 201 20.82 11.42 -27.37
CA ASN A 201 21.48 12.51 -26.66
C ASN A 201 20.74 12.78 -25.35
N GLU A 202 21.44 12.62 -24.23
CA GLU A 202 20.83 12.83 -22.92
C GLU A 202 20.30 14.24 -22.67
N ASN A 203 20.92 15.24 -23.30
CA ASN A 203 20.49 16.61 -23.10
C ASN A 203 19.30 16.97 -23.97
N GLU A 204 18.84 16.02 -24.78
CA GLU A 204 17.72 16.28 -25.66
C GLU A 204 16.50 15.45 -25.29
N TYR A 205 16.75 14.25 -24.78
CA TYR A 205 15.68 13.35 -24.39
C TYR A 205 15.95 12.79 -23.01
N GLN A 206 14.91 12.75 -22.18
CA GLN A 206 15.06 12.23 -20.82
C GLN A 206 13.93 11.27 -20.46
N ILE A 207 14.29 10.17 -19.84
CA ILE A 207 13.34 9.17 -19.41
C ILE A 207 12.42 9.76 -18.35
N ILE A 208 11.13 9.50 -18.46
CA ILE A 208 10.17 10.00 -17.51
C ILE A 208 9.35 8.88 -16.89
N SER A 209 9.40 7.71 -17.51
CA SER A 209 8.64 6.57 -17.02
C SER A 209 9.30 5.24 -17.31
N VAL A 210 9.20 4.33 -16.34
CA VAL A 210 9.74 3.00 -16.45
C VAL A 210 8.65 2.07 -15.95
N SER A 211 8.34 1.06 -16.74
CA SER A 211 7.29 0.10 -16.40
C SER A 211 7.77 -1.02 -15.53
N ASP A 212 6.86 -1.94 -15.26
CA ASP A 212 7.14 -3.12 -14.47
C ASP A 212 8.06 -3.97 -15.35
N VAL A 213 8.75 -4.94 -14.75
CA VAL A 213 9.65 -5.82 -15.49
C VAL A 213 8.89 -7.12 -15.77
N TYR A 214 9.12 -7.72 -16.93
CA TYR A 214 8.42 -8.96 -17.27
C TYR A 214 9.36 -9.96 -17.88
N THR A 215 8.89 -11.20 -17.98
CA THR A 215 9.66 -12.25 -18.60
C THR A 215 8.81 -12.71 -19.79
N SER A 216 9.44 -12.94 -20.92
CA SER A 216 8.71 -13.41 -22.08
C SER A 216 9.70 -14.16 -22.95
N ASN A 217 9.29 -15.34 -23.40
CA ASN A 217 10.12 -16.18 -24.24
C ASN A 217 11.57 -16.23 -23.77
N ASN A 218 11.76 -16.55 -22.49
CA ASN A 218 13.10 -16.68 -21.91
C ASN A 218 13.93 -15.41 -21.74
N THR A 219 13.30 -14.28 -21.52
CA THR A 219 14.06 -13.07 -21.30
C THR A 219 13.23 -12.05 -20.53
N THR A 220 13.91 -11.25 -19.71
CA THR A 220 13.22 -10.22 -18.98
C THR A 220 13.25 -9.00 -19.90
N LEU A 221 12.36 -8.06 -19.65
CA LEU A 221 12.29 -6.84 -20.46
C LEU A 221 11.36 -5.87 -19.76
N ASP A 222 11.49 -4.59 -20.10
CA ASP A 222 10.62 -3.58 -19.56
C ASP A 222 10.42 -2.52 -20.63
N PHE A 223 9.57 -1.55 -20.34
CA PHE A 223 9.31 -0.52 -21.30
C PHE A 223 9.57 0.82 -20.65
N ILE A 224 10.21 1.71 -21.37
CA ILE A 224 10.49 3.02 -20.81
C ILE A 224 10.08 4.07 -21.81
N ILE A 225 9.89 5.30 -21.32
CA ILE A 225 9.48 6.39 -22.17
C ILE A 225 10.47 7.56 -22.05
N TYR A 226 10.93 8.05 -23.20
CA TYR A 226 11.83 9.18 -23.22
C TYR A 226 10.99 10.37 -23.67
N LYS A 227 11.23 11.54 -23.09
CA LYS A 227 10.50 12.72 -23.50
C LYS A 227 11.49 13.79 -23.93
N LYS A 228 11.13 14.51 -24.99
CA LYS A 228 11.96 15.59 -25.52
C LYS A 228 12.03 16.70 -24.48
N THR A 229 13.24 17.10 -24.12
CA THR A 229 13.43 18.15 -23.13
C THR A 229 13.31 19.54 -23.73
N ASN A 230 13.13 20.55 -22.87
CA ASN A 230 13.01 21.93 -23.29
C ASN A 230 14.25 22.76 -22.92
N ASN A 231 14.80 22.49 -21.75
CA ASN A 231 15.99 23.19 -21.26
C ASN A 231 16.56 22.49 -20.02
N MET B 1 -37.98 16.48 -16.36
CA MET B 1 -36.71 16.82 -17.05
C MET B 1 -36.31 18.27 -16.83
N MET B 2 -36.57 18.75 -15.62
CA MET B 2 -36.28 20.12 -15.20
C MET B 2 -34.80 20.42 -15.03
N GLU B 3 -34.53 21.62 -14.54
CA GLU B 3 -33.19 22.06 -14.20
C GLU B 3 -33.36 22.68 -12.83
N GLN B 4 -32.64 22.10 -11.87
CA GLN B 4 -32.70 22.48 -10.47
C GLN B 4 -31.76 23.57 -9.98
N VAL B 5 -32.33 24.56 -9.29
CA VAL B 5 -31.57 25.67 -8.75
C VAL B 5 -30.30 25.15 -8.06
N CYS B 6 -30.47 24.16 -7.18
CA CYS B 6 -29.36 23.57 -6.42
C CYS B 6 -28.13 23.25 -7.28
N ASP B 7 -28.35 22.50 -8.36
CA ASP B 7 -27.27 22.11 -9.25
C ASP B 7 -26.63 23.33 -9.93
N VAL B 8 -27.46 24.25 -10.38
CA VAL B 8 -26.99 25.45 -11.08
C VAL B 8 -26.24 26.47 -10.22
N PHE B 9 -26.91 26.95 -9.18
CA PHE B 9 -26.31 27.95 -8.29
C PHE B 9 -25.32 27.36 -7.29
N ASP B 10 -25.24 26.03 -7.25
CA ASP B 10 -24.32 25.34 -6.34
C ASP B 10 -24.55 25.70 -4.88
N ILE B 11 -25.66 25.22 -4.33
CA ILE B 11 -26.00 25.50 -2.94
C ILE B 11 -25.73 24.29 -2.06
N TYR B 12 -24.81 24.44 -1.11
CA TYR B 12 -24.46 23.36 -0.21
C TYR B 12 -24.81 23.73 1.22
N ALA B 13 -24.81 22.74 2.10
CA ALA B 13 -25.12 22.94 3.51
C ALA B 13 -24.04 22.26 4.35
N ILE B 14 -23.46 23.01 5.28
CA ILE B 14 -22.43 22.46 6.16
C ILE B 14 -22.92 22.50 7.61
N CYS B 15 -22.63 21.44 8.36
CA CYS B 15 -23.04 21.36 9.75
C CYS B 15 -22.13 20.48 10.60
N ALA B 16 -22.45 20.41 11.88
CA ALA B 16 -21.72 19.61 12.87
C ALA B 16 -22.76 19.10 13.85
N CYS B 17 -22.97 17.79 13.92
CA CYS B 17 -23.97 17.24 14.82
C CYS B 17 -23.40 16.22 15.80
N CYS B 18 -23.83 16.33 17.06
CA CYS B 18 -23.38 15.41 18.10
C CYS B 18 -24.53 14.46 18.40
N LYS B 19 -24.37 13.64 19.43
CA LYS B 19 -25.41 12.70 19.82
C LYS B 19 -26.21 13.30 20.98
N VAL B 20 -27.49 12.98 21.05
CA VAL B 20 -28.35 13.54 22.10
C VAL B 20 -28.64 12.57 23.23
N GLU B 21 -29.33 13.07 24.26
CA GLU B 21 -29.71 12.25 25.40
C GLU B 21 -31.09 11.70 25.17
N SER B 22 -31.22 10.38 25.23
CA SER B 22 -32.51 9.74 25.03
C SER B 22 -33.45 10.12 26.18
N LYS B 23 -32.97 11.07 26.98
CA LYS B 23 -33.67 11.62 28.15
C LYS B 23 -33.29 10.86 29.41
N ASN B 24 -33.43 9.55 29.36
CA ASN B 24 -33.09 8.62 30.45
C ASN B 24 -33.82 7.31 30.16
N GLU B 25 -34.24 7.22 28.90
CA GLU B 25 -34.94 6.06 28.39
C GLU B 25 -34.14 5.38 27.24
N GLY B 26 -32.84 5.68 27.06
CA GLY B 26 -32.03 5.08 26.02
C GLY B 26 -31.85 3.61 26.27
N LYS B 27 -32.74 3.08 27.11
CA LYS B 27 -32.85 1.65 27.51
C LYS B 27 -31.82 0.58 27.38
N LYS B 28 -31.82 -0.09 26.23
CA LYS B 28 -30.67 -0.97 25.91
C LYS B 28 -30.63 -1.60 24.53
N ASN B 29 -29.43 -2.15 24.29
CA ASN B 29 -29.02 -2.74 23.06
C ASN B 29 -29.49 -1.81 21.95
N GLU B 30 -29.28 -0.54 22.27
CA GLU B 30 -29.61 0.61 21.42
C GLU B 30 -29.28 0.43 19.95
N VAL B 31 -30.20 0.88 19.11
CA VAL B 31 -30.04 0.81 17.67
C VAL B 31 -29.46 2.14 17.18
N PHE B 32 -28.67 2.08 16.12
CA PHE B 32 -28.06 3.28 15.57
C PHE B 32 -28.37 3.46 14.09
N ASN B 33 -28.30 4.71 13.65
CA ASN B 33 -28.53 5.10 12.27
C ASN B 33 -27.93 6.49 12.09
N ASN B 34 -27.93 7.02 10.87
CA ASN B 34 -27.34 8.33 10.63
C ASN B 34 -27.95 9.41 11.51
N TYR B 35 -29.24 9.26 11.82
CA TYR B 35 -29.96 10.23 12.64
C TYR B 35 -29.44 10.31 14.09
N THR B 36 -28.62 9.34 14.48
CA THR B 36 -28.05 9.33 15.82
C THR B 36 -27.33 10.65 16.04
N PHE B 37 -26.73 11.14 14.95
CA PHE B 37 -26.00 12.40 14.98
C PHE B 37 -26.92 13.51 14.49
N ARG B 38 -27.46 14.28 15.42
CA ARG B 38 -28.38 15.36 15.07
C ARG B 38 -28.26 16.61 15.94
N GLY B 39 -27.76 16.48 17.17
CA GLY B 39 -27.62 17.63 18.03
C GLY B 39 -26.98 18.82 17.32
N LEU B 40 -27.66 19.97 17.31
CA LEU B 40 -27.14 21.17 16.66
C LEU B 40 -26.75 22.29 17.60
N GLY B 41 -27.59 22.54 18.60
CA GLY B 41 -27.29 23.61 19.54
C GLY B 41 -27.99 23.45 20.87
N ASN B 42 -27.52 24.19 21.87
CA ASN B 42 -28.10 24.15 23.19
C ASN B 42 -28.08 25.52 23.84
N LYS B 43 -29.26 26.09 24.05
CA LYS B 43 -29.40 27.40 24.67
C LYS B 43 -28.63 28.48 23.92
N GLY B 44 -29.00 28.69 22.66
CA GLY B 44 -28.34 29.72 21.87
C GLY B 44 -26.93 29.42 21.39
N VAL B 45 -26.23 28.54 22.10
CA VAL B 45 -24.86 28.19 21.73
C VAL B 45 -24.70 26.74 21.31
N LEU B 46 -23.47 26.34 21.03
CA LEU B 46 -23.17 24.97 20.62
C LEU B 46 -23.31 24.05 21.82
N PRO B 47 -23.63 22.77 21.58
CA PRO B 47 -23.80 21.78 22.66
C PRO B 47 -22.46 21.50 23.34
N TRP B 48 -21.38 21.62 22.59
CA TRP B 48 -20.04 21.37 23.10
C TRP B 48 -19.27 22.67 23.30
N LYS B 49 -18.33 22.63 24.24
CA LYS B 49 -17.52 23.80 24.55
C LYS B 49 -16.70 24.26 23.36
N CYS B 50 -15.84 23.39 22.85
CA CYS B 50 -14.98 23.74 21.73
C CYS B 50 -14.36 22.51 21.06
N ILE B 51 -14.48 22.46 19.75
CA ILE B 51 -13.90 21.36 18.97
C ILE B 51 -13.10 22.00 17.84
N SER B 52 -11.86 22.34 18.15
CA SER B 52 -10.95 23.02 17.22
C SER B 52 -10.77 22.41 15.83
N LEU B 53 -10.67 21.08 15.74
CA LEU B 53 -10.50 20.46 14.43
C LEU B 53 -11.70 20.72 13.53
N ASP B 54 -12.90 20.71 14.11
CA ASP B 54 -14.11 20.98 13.33
C ASP B 54 -14.07 22.43 12.86
N MET B 55 -13.73 23.34 13.77
CA MET B 55 -13.63 24.75 13.43
C MET B 55 -12.71 24.90 12.24
N LYS B 56 -11.53 24.31 12.34
CA LYS B 56 -10.54 24.38 11.28
C LYS B 56 -11.12 23.87 9.96
N TYR B 57 -11.91 22.80 10.02
CA TYR B 57 -12.52 22.22 8.83
C TYR B 57 -13.53 23.20 8.24
N PHE B 58 -14.43 23.66 9.08
CA PHE B 58 -15.48 24.60 8.68
C PHE B 58 -14.89 25.82 7.97
N ARG B 59 -13.80 26.33 8.51
CA ARG B 59 -13.12 27.49 7.97
C ARG B 59 -12.52 27.24 6.59
N ALA B 60 -11.81 26.13 6.44
CA ALA B 60 -11.18 25.79 5.17
C ALA B 60 -12.19 25.48 4.07
N VAL B 61 -13.36 24.96 4.44
CA VAL B 61 -14.40 24.63 3.46
C VAL B 61 -15.13 25.87 2.97
N THR B 62 -15.65 26.65 3.92
CA THR B 62 -16.42 27.85 3.58
C THR B 62 -15.63 28.96 2.91
N THR B 63 -14.29 28.91 2.99
CA THR B 63 -13.49 29.95 2.37
C THR B 63 -12.72 29.52 1.13
N TYR B 64 -12.59 28.21 0.91
CA TYR B 64 -11.86 27.74 -0.26
C TYR B 64 -12.56 28.14 -1.55
N VAL B 65 -11.77 28.59 -2.52
CA VAL B 65 -12.30 28.99 -3.81
C VAL B 65 -11.34 28.64 -4.93
N ASN B 66 -11.90 28.16 -6.03
CA ASN B 66 -11.12 27.79 -7.20
C ASN B 66 -11.48 28.75 -8.33
N GLU B 67 -10.76 29.86 -8.39
CA GLU B 67 -11.02 30.88 -9.40
C GLU B 67 -10.80 30.43 -10.84
N SER B 68 -10.57 29.13 -11.03
CA SER B 68 -10.38 28.60 -12.38
C SER B 68 -11.51 27.65 -12.74
N LYS B 69 -12.50 27.55 -11.86
CA LYS B 69 -13.66 26.69 -12.09
C LYS B 69 -14.92 27.51 -12.01
N TYR B 70 -14.75 28.81 -11.73
CA TYR B 70 -15.88 29.73 -11.61
C TYR B 70 -16.52 30.08 -12.95
N GLU B 71 -15.69 30.38 -13.94
CA GLU B 71 -16.21 30.75 -15.25
C GLU B 71 -17.10 29.64 -15.78
N LYS B 72 -16.88 28.42 -15.31
CA LYS B 72 -17.66 27.26 -15.72
C LYS B 72 -19.05 27.35 -15.08
N LEU B 73 -19.10 28.01 -13.92
CA LEU B 73 -20.35 28.20 -13.19
C LEU B 73 -21.04 29.48 -13.65
N LYS B 74 -20.24 30.46 -14.09
CA LYS B 74 -20.79 31.72 -14.59
C LYS B 74 -21.55 31.43 -15.86
N TYR B 75 -20.96 30.61 -16.71
CA TYR B 75 -21.55 30.21 -17.98
C TYR B 75 -22.75 29.30 -17.71
N LYS B 76 -22.87 28.88 -16.45
CA LYS B 76 -23.97 28.01 -16.03
C LYS B 76 -25.13 28.82 -15.46
N ARG B 77 -24.82 29.68 -14.50
CA ARG B 77 -25.81 30.52 -13.84
C ARG B 77 -26.46 31.58 -14.72
N CYS B 78 -25.64 32.31 -15.48
CA CYS B 78 -26.15 33.35 -16.38
C CYS B 78 -26.90 32.73 -17.56
N LYS B 79 -26.33 31.68 -18.13
CA LYS B 79 -26.94 30.98 -19.25
C LYS B 79 -28.25 30.35 -18.76
N TYR B 80 -28.59 30.66 -17.50
CA TYR B 80 -29.80 30.16 -16.86
C TYR B 80 -30.73 31.31 -16.50
N LEU B 81 -30.14 32.49 -16.29
CA LEU B 81 -30.88 33.70 -15.94
C LEU B 81 -31.75 34.18 -17.11
N PRO B 93 -15.95 45.61 -12.02
CA PRO B 93 -15.21 44.37 -11.71
C PRO B 93 -14.36 44.52 -10.45
N ASN B 94 -15.03 44.48 -9.30
CA ASN B 94 -14.42 44.63 -7.99
C ASN B 94 -14.64 43.36 -7.17
N SER B 95 -13.77 43.13 -6.19
CA SER B 95 -13.80 41.92 -5.36
C SER B 95 -13.33 40.81 -6.28
N LYS B 96 -12.40 41.16 -7.16
CA LYS B 96 -11.82 40.25 -8.13
C LYS B 96 -11.36 39.00 -7.40
N LYS B 97 -11.38 39.07 -6.08
CA LYS B 97 -11.02 37.94 -5.23
C LYS B 97 -12.31 37.18 -4.93
N LEU B 98 -12.70 36.32 -5.87
CA LEU B 98 -13.91 35.52 -5.77
C LEU B 98 -14.06 34.87 -4.39
N GLN B 99 -15.19 35.14 -3.74
CA GLN B 99 -15.48 34.57 -2.42
C GLN B 99 -16.66 33.63 -2.49
N ASN B 100 -17.09 33.15 -1.32
CA ASN B 100 -18.23 32.25 -1.22
C ASN B 100 -19.31 32.93 -0.39
N VAL B 101 -20.53 32.43 -0.51
CA VAL B 101 -21.65 32.97 0.23
C VAL B 101 -21.89 32.12 1.47
N VAL B 102 -22.20 32.77 2.58
CA VAL B 102 -22.46 32.07 3.83
C VAL B 102 -23.78 32.51 4.46
N VAL B 103 -24.86 31.87 4.03
CA VAL B 103 -26.20 32.18 4.53
C VAL B 103 -26.34 31.65 5.96
N MET B 104 -27.21 32.29 6.74
CA MET B 104 -27.44 31.86 8.12
C MET B 104 -28.64 32.57 8.74
N GLY B 105 -29.44 31.82 9.49
CA GLY B 105 -30.61 32.39 10.14
C GLY B 105 -30.23 33.48 11.12
N ARG B 106 -31.21 34.29 11.50
CA ARG B 106 -30.97 35.38 12.43
C ARG B 106 -30.46 34.83 13.78
N THR B 107 -31.23 33.92 14.38
CA THR B 107 -30.85 33.32 15.66
C THR B 107 -29.41 32.83 15.58
N ASN B 108 -29.06 32.25 14.44
CA ASN B 108 -27.71 31.76 14.24
C ASN B 108 -26.75 32.94 14.27
N TRP B 109 -27.02 33.94 13.43
CA TRP B 109 -26.18 35.11 13.36
C TRP B 109 -25.93 35.76 14.72
N GLU B 110 -26.98 35.81 15.55
CA GLU B 110 -26.85 36.41 16.87
C GLU B 110 -25.94 35.63 17.81
N SER B 111 -26.07 34.30 17.80
CA SER B 111 -25.25 33.46 18.66
C SER B 111 -23.77 33.72 18.43
N ILE B 112 -23.42 34.07 17.19
CA ILE B 112 -22.04 34.34 16.82
C ILE B 112 -21.48 35.55 17.56
N PRO B 113 -20.34 35.37 18.25
CA PRO B 113 -19.67 36.43 19.00
C PRO B 113 -19.29 37.64 18.15
N LYS B 114 -18.97 38.73 18.85
CA LYS B 114 -18.59 40.01 18.23
C LYS B 114 -17.38 39.89 17.32
N LYS B 115 -16.21 39.74 17.93
CA LYS B 115 -14.94 39.63 17.21
C LYS B 115 -15.00 38.75 15.95
N PHE B 116 -16.00 37.87 15.88
CA PHE B 116 -16.12 36.96 14.75
C PHE B 116 -17.23 37.26 13.75
N LYS B 117 -17.67 38.51 13.69
CA LYS B 117 -18.72 38.90 12.74
C LYS B 117 -18.38 40.22 12.05
N PRO B 118 -18.54 40.28 10.71
CA PRO B 118 -19.01 39.18 9.87
C PRO B 118 -17.94 38.12 9.69
N LEU B 119 -18.26 37.08 8.93
CA LEU B 119 -17.29 36.01 8.68
C LEU B 119 -16.26 36.49 7.68
N SER B 120 -15.03 36.63 8.16
CA SER B 120 -13.93 37.10 7.34
C SER B 120 -13.76 36.35 6.03
N ASN B 121 -13.57 37.11 4.95
CA ASN B 121 -13.35 36.57 3.62
C ASN B 121 -14.56 35.86 3.03
N ARG B 122 -15.75 36.19 3.53
CA ARG B 122 -16.97 35.58 3.05
C ARG B 122 -18.14 36.56 2.96
N ILE B 123 -18.97 36.36 1.93
CA ILE B 123 -20.14 37.19 1.71
C ILE B 123 -21.24 36.74 2.67
N ASN B 124 -21.34 37.41 3.81
CA ASN B 124 -22.34 37.06 4.82
C ASN B 124 -23.75 37.50 4.43
N VAL B 125 -24.69 36.56 4.51
CA VAL B 125 -26.09 36.84 4.19
C VAL B 125 -26.95 36.35 5.34
N ILE B 126 -28.02 37.08 5.64
CA ILE B 126 -28.89 36.68 6.74
C ILE B 126 -30.35 36.53 6.33
N LEU B 127 -30.96 35.45 6.80
CA LEU B 127 -32.36 35.17 6.52
C LEU B 127 -33.15 35.67 7.72
N SER B 128 -33.92 36.74 7.53
CA SER B 128 -34.69 37.30 8.63
C SER B 128 -35.92 38.06 8.15
N ARG B 129 -36.88 38.21 9.05
CA ARG B 129 -38.09 38.93 8.74
C ARG B 129 -38.14 40.23 9.55
N THR B 130 -37.14 40.43 10.40
CA THR B 130 -37.08 41.62 11.25
C THR B 130 -35.91 42.54 10.97
N LEU B 131 -34.71 41.97 10.92
CA LEU B 131 -33.49 42.75 10.67
C LEU B 131 -33.64 43.61 9.42
N LYS B 132 -32.97 44.77 9.41
CA LYS B 132 -33.04 45.69 8.28
C LYS B 132 -31.66 46.06 7.76
N LYS B 133 -31.56 46.16 6.44
CA LYS B 133 -30.30 46.51 5.77
C LYS B 133 -29.73 47.79 6.35
N GLU B 134 -30.57 48.53 7.09
CA GLU B 134 -30.18 49.81 7.70
C GLU B 134 -29.03 49.68 8.69
N ASP B 135 -29.32 49.10 9.85
CA ASP B 135 -28.33 48.91 10.92
C ASP B 135 -27.06 48.16 10.50
N PHE B 136 -27.22 47.12 9.69
CA PHE B 136 -26.08 46.32 9.23
C PHE B 136 -25.29 47.02 8.13
N ASP B 137 -24.15 46.42 7.79
CA ASP B 137 -23.26 46.97 6.77
C ASP B 137 -23.88 47.06 5.39
N GLU B 138 -23.18 47.79 4.53
CA GLU B 138 -23.58 47.99 3.14
C GLU B 138 -23.20 46.71 2.39
N ASP B 139 -22.47 45.84 3.10
CA ASP B 139 -21.99 44.58 2.53
C ASP B 139 -22.81 43.39 3.00
N VAL B 140 -23.04 43.29 4.31
CA VAL B 140 -23.81 42.19 4.88
C VAL B 140 -25.26 42.20 4.38
N TYR B 141 -25.51 41.51 3.27
CA TYR B 141 -26.85 41.45 2.68
C TYR B 141 -27.85 40.77 3.61
N ILE B 142 -29.13 40.91 3.28
CA ILE B 142 -30.20 40.31 4.06
C ILE B 142 -31.30 39.89 3.10
N ILE B 143 -32.06 38.86 3.47
CA ILE B 143 -33.15 38.37 2.64
C ILE B 143 -34.43 38.23 3.45
N ASN B 144 -35.54 37.94 2.78
CA ASN B 144 -36.81 37.82 3.47
C ASN B 144 -37.47 36.46 3.32
N LYS B 145 -36.96 35.65 2.40
CA LYS B 145 -37.51 34.32 2.19
C LYS B 145 -36.57 33.45 1.37
N VAL B 146 -36.69 32.14 1.56
CA VAL B 146 -35.86 31.16 0.87
C VAL B 146 -35.65 31.49 -0.60
N GLU B 147 -36.71 31.97 -1.26
CA GLU B 147 -36.62 32.30 -2.69
C GLU B 147 -35.86 33.60 -2.92
N ASP B 148 -35.89 34.49 -1.93
CA ASP B 148 -35.21 35.77 -2.03
C ASP B 148 -33.69 35.64 -2.00
N LEU B 149 -33.20 34.41 -2.11
CA LEU B 149 -31.77 34.17 -2.12
C LEU B 149 -31.29 33.95 -3.55
N ILE B 150 -32.06 33.17 -4.30
CA ILE B 150 -31.73 32.88 -5.69
C ILE B 150 -31.34 34.19 -6.38
N VAL B 151 -32.19 35.20 -6.21
CA VAL B 151 -31.95 36.51 -6.79
C VAL B 151 -30.58 37.04 -6.36
N LEU B 152 -30.42 37.26 -5.07
CA LEU B 152 -29.17 37.78 -4.51
C LEU B 152 -27.95 37.11 -5.12
N LEU B 153 -28.07 35.82 -5.43
CA LEU B 153 -26.98 35.07 -6.02
C LEU B 153 -26.86 35.31 -7.52
N GLY B 154 -28.01 35.25 -8.21
CA GLY B 154 -28.02 35.47 -9.64
C GLY B 154 -27.48 36.84 -10.03
N LYS B 155 -27.21 37.67 -9.03
CA LYS B 155 -26.69 39.00 -9.27
C LYS B 155 -25.34 39.23 -8.59
N LEU B 156 -24.76 38.16 -8.06
CA LEU B 156 -23.47 38.23 -7.36
C LEU B 156 -22.35 37.42 -7.99
N ASN B 157 -21.13 37.64 -7.50
CA ASN B 157 -19.95 36.93 -7.97
C ASN B 157 -19.42 36.08 -6.80
N TYR B 158 -19.86 34.83 -6.75
CA TYR B 158 -19.45 33.92 -5.69
C TYR B 158 -19.13 32.56 -6.29
N TYR B 159 -18.21 31.85 -5.64
CA TYR B 159 -17.80 30.52 -6.08
C TYR B 159 -18.91 29.52 -5.74
N LYS B 160 -19.17 29.36 -4.45
CA LYS B 160 -20.20 28.45 -3.98
C LYS B 160 -20.95 29.01 -2.78
N CYS B 161 -22.16 28.51 -2.55
CA CYS B 161 -22.99 28.97 -1.45
C CYS B 161 -23.10 27.92 -0.34
N PHE B 162 -22.74 28.30 0.87
CA PHE B 162 -22.79 27.39 2.01
C PHE B 162 -23.87 27.80 3.02
N ILE B 163 -24.91 26.96 3.13
CA ILE B 163 -25.99 27.22 4.05
C ILE B 163 -25.65 26.76 5.47
N LEU B 164 -25.23 27.69 6.31
CA LEU B 164 -24.86 27.39 7.69
C LEU B 164 -26.14 27.55 8.52
N GLY B 165 -27.06 28.32 7.97
CA GLY B 165 -28.35 28.60 8.59
C GLY B 165 -28.57 28.30 10.05
N GLY B 166 -29.51 27.39 10.31
CA GLY B 166 -29.82 27.00 11.68
C GLY B 166 -30.87 25.93 11.61
N SER B 167 -31.32 25.45 12.77
CA SER B 167 -32.32 24.39 12.81
C SER B 167 -33.43 24.62 11.79
N VAL B 168 -33.95 25.84 11.74
CA VAL B 168 -35.02 26.18 10.82
C VAL B 168 -34.54 26.37 9.38
N VAL B 169 -33.44 27.08 9.20
CA VAL B 169 -32.90 27.35 7.87
C VAL B 169 -32.67 26.07 7.06
N TYR B 170 -32.03 25.07 7.68
CA TYR B 170 -31.77 23.80 7.02
C TYR B 170 -33.10 23.21 6.56
N GLN B 171 -33.97 22.98 7.53
CA GLN B 171 -35.29 22.41 7.29
C GLN B 171 -35.89 22.83 5.94
N GLU B 172 -36.15 24.12 5.78
CA GLU B 172 -36.74 24.66 4.57
C GLU B 172 -35.89 24.43 3.32
N PHE B 173 -34.60 24.72 3.39
CA PHE B 173 -33.71 24.54 2.25
C PHE B 173 -33.74 23.10 1.75
N LEU B 174 -33.71 22.15 2.68
CA LEU B 174 -33.74 20.74 2.33
C LEU B 174 -35.07 20.34 1.70
N GLU B 175 -36.17 20.80 2.31
CA GLU B 175 -37.51 20.49 1.81
C GLU B 175 -37.69 20.97 0.39
N LYS B 176 -37.07 22.10 0.07
CA LYS B 176 -37.17 22.68 -1.27
C LYS B 176 -36.06 22.19 -2.19
N LYS B 177 -35.48 21.05 -1.85
CA LYS B 177 -34.40 20.45 -2.64
C LYS B 177 -33.44 21.49 -3.20
N LEU B 178 -33.08 22.46 -2.37
CA LEU B 178 -32.15 23.51 -2.79
C LEU B 178 -30.73 23.16 -2.38
N ILE B 179 -30.59 22.05 -1.67
CA ILE B 179 -29.29 21.59 -1.21
C ILE B 179 -28.70 20.54 -2.15
N LYS B 180 -27.51 20.84 -2.68
CA LYS B 180 -26.83 19.93 -3.59
C LYS B 180 -26.02 18.90 -2.82
N LYS B 181 -25.32 19.36 -1.78
CA LYS B 181 -24.51 18.50 -0.95
C LYS B 181 -24.60 18.93 0.50
N ILE B 182 -24.32 17.99 1.42
CA ILE B 182 -24.36 18.29 2.84
C ILE B 182 -23.04 17.88 3.48
N TYR B 183 -22.23 18.86 3.86
CA TYR B 183 -20.95 18.58 4.52
C TYR B 183 -21.27 18.42 6.00
N PHE B 184 -21.46 17.15 6.38
CA PHE B 184 -21.85 16.77 7.73
C PHE B 184 -20.69 16.29 8.60
N THR B 185 -20.45 17.00 9.70
CA THR B 185 -19.40 16.62 10.64
C THR B 185 -20.07 15.78 11.72
N ARG B 186 -19.50 14.62 12.03
CA ARG B 186 -20.09 13.76 13.06
C ARG B 186 -19.30 13.80 14.35
N ILE B 187 -19.86 14.48 15.35
CA ILE B 187 -19.23 14.57 16.66
C ILE B 187 -19.65 13.33 17.44
N ASN B 188 -18.72 12.42 17.69
CA ASN B 188 -19.06 11.18 18.39
C ASN B 188 -18.98 11.23 19.91
N SER B 189 -19.92 11.99 20.50
CA SER B 189 -20.06 12.14 21.95
C SER B 189 -21.43 12.76 22.20
N THR B 190 -22.02 12.46 23.35
CA THR B 190 -23.36 12.96 23.70
C THR B 190 -23.37 14.29 24.45
N TYR B 191 -24.26 15.19 24.04
CA TYR B 191 -24.39 16.49 24.69
C TYR B 191 -25.87 16.86 24.83
N GLU B 192 -26.16 17.82 25.69
CA GLU B 192 -27.53 18.26 25.89
C GLU B 192 -27.85 19.27 24.80
N CYS B 193 -28.97 19.06 24.11
CA CYS B 193 -29.37 19.96 23.02
C CYS B 193 -30.85 20.32 23.09
N ASP B 194 -31.23 21.40 22.40
CA ASP B 194 -32.62 21.84 22.35
C ASP B 194 -33.05 21.99 20.90
N VAL B 195 -32.07 22.00 20.00
CA VAL B 195 -32.31 22.12 18.57
C VAL B 195 -31.59 20.98 17.86
N PHE B 196 -32.22 20.42 16.84
CA PHE B 196 -31.61 19.31 16.12
C PHE B 196 -31.72 19.40 14.61
N PHE B 197 -30.77 18.77 13.92
CA PHE B 197 -30.76 18.78 12.47
C PHE B 197 -31.94 17.95 11.95
N PRO B 198 -32.50 18.35 10.81
CA PRO B 198 -33.63 17.62 10.23
C PRO B 198 -33.24 16.23 9.78
N GLU B 199 -34.17 15.28 9.92
CA GLU B 199 -33.90 13.92 9.50
C GLU B 199 -33.68 13.91 7.99
N ILE B 200 -32.48 13.56 7.56
CA ILE B 200 -32.16 13.52 6.14
C ILE B 200 -32.79 12.30 5.47
N ASN B 201 -33.46 12.52 4.34
CA ASN B 201 -34.11 11.45 3.61
C ASN B 201 -33.08 10.67 2.80
N GLU B 202 -32.90 9.40 3.13
CA GLU B 202 -31.93 8.55 2.46
C GLU B 202 -32.28 8.23 1.01
N ASN B 203 -33.48 8.57 0.60
CA ASN B 203 -33.91 8.33 -0.78
C ASN B 203 -33.59 9.57 -1.60
N GLU B 204 -33.52 10.71 -0.92
CA GLU B 204 -33.25 11.98 -1.56
C GLU B 204 -31.77 12.38 -1.44
N TYR B 205 -31.05 11.70 -0.54
CA TYR B 205 -29.64 12.00 -0.33
C TYR B 205 -28.86 10.75 0.05
N GLN B 206 -27.56 10.78 -0.22
CA GLN B 206 -26.69 9.65 0.11
C GLN B 206 -25.23 10.05 0.26
N ILE B 207 -24.55 9.34 1.15
CA ILE B 207 -23.14 9.59 1.45
C ILE B 207 -22.23 9.10 0.32
N ILE B 208 -21.36 9.99 -0.15
CA ILE B 208 -20.45 9.65 -1.23
C ILE B 208 -19.00 9.66 -0.77
N SER B 209 -18.76 10.16 0.43
CA SER B 209 -17.41 10.20 0.96
C SER B 209 -17.38 10.24 2.48
N VAL B 210 -16.41 9.56 3.04
CA VAL B 210 -16.21 9.51 4.48
C VAL B 210 -14.73 9.73 4.73
N SER B 211 -14.41 10.68 5.60
CA SER B 211 -13.02 11.00 5.89
C SER B 211 -12.41 10.12 6.96
N ASP B 212 -11.14 10.36 7.22
CA ASP B 212 -10.40 9.65 8.24
C ASP B 212 -11.02 10.07 9.57
N VAL B 213 -10.78 9.31 10.63
CA VAL B 213 -11.34 9.67 11.94
C VAL B 213 -10.25 10.37 12.75
N TYR B 214 -10.66 11.34 13.55
CA TYR B 214 -9.70 12.06 14.37
C TYR B 214 -10.23 12.23 15.78
N THR B 215 -9.34 12.73 16.63
CA THR B 215 -9.68 13.03 18.01
C THR B 215 -9.41 14.52 18.16
N SER B 216 -10.37 15.22 18.76
CA SER B 216 -10.23 16.66 18.97
C SER B 216 -10.93 16.99 20.27
N ASN B 217 -10.22 17.66 21.17
CA ASN B 217 -10.76 18.04 22.46
C ASN B 217 -11.49 16.90 23.17
N ASN B 218 -10.79 15.80 23.37
CA ASN B 218 -11.34 14.65 24.08
C ASN B 218 -12.54 13.96 23.43
N THR B 219 -12.62 13.99 22.11
CA THR B 219 -13.72 13.32 21.41
C THR B 219 -13.32 12.98 19.98
N THR B 220 -13.87 11.89 19.46
CA THR B 220 -13.58 11.48 18.09
C THR B 220 -14.62 12.11 17.18
N LEU B 221 -14.26 12.28 15.92
CA LEU B 221 -15.17 12.86 14.95
C LEU B 221 -14.65 12.53 13.56
N ASP B 222 -15.53 12.63 12.57
CA ASP B 222 -15.15 12.43 11.18
C ASP B 222 -15.98 13.37 10.32
N PHE B 223 -15.70 13.38 9.03
CA PHE B 223 -16.42 14.27 8.12
C PHE B 223 -16.98 13.45 6.96
N ILE B 224 -18.27 13.59 6.71
CA ILE B 224 -18.89 12.85 5.61
C ILE B 224 -19.54 13.82 4.65
N ILE B 225 -19.88 13.31 3.45
CA ILE B 225 -20.49 14.14 2.44
C ILE B 225 -21.73 13.52 1.81
N TYR B 226 -22.86 14.22 1.95
CA TYR B 226 -24.12 13.78 1.39
C TYR B 226 -24.28 14.44 0.02
N LYS B 227 -24.90 13.73 -0.90
CA LYS B 227 -25.11 14.25 -2.25
C LYS B 227 -26.54 13.95 -2.69
N LYS B 228 -27.16 14.90 -3.37
CA LYS B 228 -28.53 14.72 -3.84
C LYS B 228 -28.55 13.54 -4.80
N THR B 229 -29.38 12.55 -4.50
CA THR B 229 -29.49 11.36 -5.34
C THR B 229 -30.13 11.70 -6.68
N ASN B 230 -30.15 10.73 -7.60
CA ASN B 230 -30.71 10.98 -8.92
C ASN B 230 -31.63 9.84 -9.36
N ASN B 231 -31.73 8.85 -8.48
CA ASN B 231 -32.52 7.62 -8.63
C ASN B 231 -33.74 7.79 -7.68
N LYS B 232 -34.96 7.84 -8.22
CA LYS B 232 -36.20 7.97 -7.43
C LYS B 232 -36.35 9.29 -6.63
N ASP C 3 -16.66 15.18 -15.12
CA ASP C 3 -17.05 15.59 -13.73
C ASP C 3 -15.86 16.28 -13.05
N ASP C 4 -16.16 17.26 -12.20
CA ASP C 4 -15.13 18.00 -11.50
C ASP C 4 -15.58 18.52 -10.13
N GLU C 5 -16.77 18.11 -9.71
CA GLU C 5 -17.31 18.53 -8.41
C GLU C 5 -16.52 17.91 -7.27
N GLU C 6 -16.36 16.60 -7.34
CA GLU C 6 -15.63 15.87 -6.32
C GLU C 6 -14.17 16.28 -6.22
N GLU C 7 -13.61 16.82 -7.29
CA GLU C 7 -12.22 17.26 -7.28
C GLU C 7 -12.05 18.37 -6.26
N ASP C 8 -13.18 18.89 -5.79
CA ASP C 8 -13.20 19.96 -4.79
C ASP C 8 -13.22 19.35 -3.38
N ASP C 9 -14.04 18.31 -3.20
CA ASP C 9 -14.14 17.65 -1.91
C ASP C 9 -12.78 17.14 -1.44
N PHE C 10 -11.94 16.76 -2.40
CA PHE C 10 -10.60 16.26 -2.10
C PHE C 10 -9.81 17.27 -1.27
N VAL C 11 -9.84 18.53 -1.69
CA VAL C 11 -9.11 19.57 -0.98
C VAL C 11 -9.57 19.70 0.47
N TYR C 12 -10.87 19.53 0.70
CA TYR C 12 -11.43 19.63 2.04
C TYR C 12 -10.90 18.52 2.94
N PHE C 13 -10.96 17.29 2.45
CA PHE C 13 -10.50 16.13 3.21
C PHE C 13 -9.02 16.16 3.53
N ASN C 14 -8.28 17.04 2.86
CA ASN C 14 -6.84 17.17 3.09
C ASN C 14 -6.52 18.47 3.83
N PHE C 15 -7.48 18.95 4.62
CA PHE C 15 -7.33 20.19 5.37
C PHE C 15 -6.39 20.06 6.57
N ASN C 16 -6.25 18.84 7.10
CA ASN C 16 -5.40 18.65 8.27
C ASN C 16 -4.00 18.14 7.99
N LYS C 17 -3.75 17.68 6.77
CA LYS C 17 -2.43 17.18 6.41
C LYS C 17 -1.37 18.26 6.64
N GLU C 18 -0.28 17.87 7.28
CA GLU C 18 0.82 18.80 7.60
C GLU C 18 1.42 19.49 6.38
N LYS C 19 2.19 20.55 6.63
CA LYS C 19 2.85 21.31 5.57
C LYS C 19 4.20 20.65 5.29
N GLU C 20 4.72 20.81 4.08
CA GLU C 20 6.01 20.19 3.74
C GLU C 20 7.24 21.00 4.14
N GLU C 21 7.18 21.55 5.34
CA GLU C 21 8.26 22.30 5.95
C GLU C 21 8.25 21.69 7.35
N LYS C 22 7.06 21.20 7.68
CA LYS C 22 6.79 20.48 8.90
C LYS C 22 6.74 19.03 8.45
N ASN C 23 7.19 18.80 7.21
CA ASN C 23 7.25 17.47 6.59
C ASN C 23 8.07 16.61 7.54
N LYS C 24 9.25 17.14 7.86
CA LYS C 24 10.21 16.58 8.79
C LYS C 24 11.64 16.89 8.37
N ASN C 25 12.24 15.98 7.61
CA ASN C 25 13.61 16.17 7.18
C ASN C 25 13.68 16.93 5.86
N SER C 26 14.51 17.98 5.82
CA SER C 26 14.63 18.78 4.62
C SER C 26 15.24 18.01 3.44
N ILE C 27 16.38 17.36 3.67
CA ILE C 27 17.12 16.58 2.66
C ILE C 27 17.24 17.32 1.32
N HIS C 28 16.45 18.39 1.18
CA HIS C 28 16.44 19.28 0.01
C HIS C 28 15.94 18.80 -1.36
N PRO C 29 15.34 17.58 -1.44
CA PRO C 29 14.84 16.96 -2.69
C PRO C 29 14.95 17.70 -4.03
N ASN C 30 15.92 18.60 -4.16
CA ASN C 30 16.20 19.30 -5.41
C ASN C 30 17.36 18.44 -5.89
N ASP C 31 17.91 17.71 -4.92
CA ASP C 31 19.01 16.81 -5.18
C ASP C 31 18.46 15.56 -5.87
N PHE C 32 17.14 15.36 -5.74
CA PHE C 32 16.47 14.22 -6.36
C PHE C 32 15.84 14.66 -7.68
N GLN C 33 16.58 15.46 -8.43
CA GLN C 33 16.15 15.98 -9.71
C GLN C 33 15.43 14.90 -10.53
N ILE C 34 16.19 13.92 -10.97
CA ILE C 34 15.67 12.82 -11.78
C ILE C 34 14.56 12.01 -11.13
N TYR C 35 14.77 11.58 -9.89
CA TYR C 35 13.79 10.80 -9.16
C TYR C 35 12.40 11.42 -9.11
N ASN C 36 12.34 12.73 -8.86
CA ASN C 36 11.06 13.41 -8.78
C ASN C 36 10.49 13.75 -10.13
N SER C 37 11.34 13.71 -11.16
CA SER C 37 10.88 14.03 -12.50
C SER C 37 10.11 12.85 -13.11
N LEU C 38 10.49 11.62 -12.73
CA LEU C 38 9.81 10.46 -13.26
C LEU C 38 8.34 10.50 -12.95
N LYS C 39 7.50 10.33 -13.97
CA LYS C 39 6.06 10.35 -13.83
C LYS C 39 5.56 9.00 -13.31
N TYR C 40 5.84 7.95 -14.06
CA TYR C 40 5.43 6.61 -13.66
C TYR C 40 6.62 5.75 -13.29
N LYS C 41 6.67 5.31 -12.03
CA LYS C 41 7.77 4.48 -11.54
C LYS C 41 7.25 3.10 -11.20
N TYR C 42 6.98 2.30 -12.22
CA TYR C 42 6.44 0.97 -12.00
C TYR C 42 7.42 -0.19 -11.91
N HIS C 43 8.71 0.08 -12.12
CA HIS C 43 9.74 -0.95 -12.00
C HIS C 43 9.77 -1.39 -10.52
N PRO C 44 9.76 -2.70 -10.25
CA PRO C 44 9.78 -3.19 -8.87
C PRO C 44 10.90 -2.62 -7.97
N GLU C 45 12.02 -2.21 -8.56
CA GLU C 45 13.09 -1.65 -7.75
C GLU C 45 12.62 -0.42 -6.97
N TYR C 46 11.60 0.26 -7.49
CA TYR C 46 11.09 1.46 -6.82
C TYR C 46 10.42 1.16 -5.48
N GLN C 47 10.07 -0.10 -5.25
CA GLN C 47 9.47 -0.43 -3.97
C GLN C 47 10.53 -0.21 -2.89
N TYR C 48 11.78 -0.49 -3.26
CA TYR C 48 12.90 -0.30 -2.36
C TYR C 48 13.27 1.19 -2.32
N LEU C 49 13.45 1.76 -3.50
CA LEU C 49 13.80 3.16 -3.60
C LEU C 49 12.79 4.07 -2.95
N ASN C 50 11.49 3.77 -3.11
CA ASN C 50 10.45 4.62 -2.52
C ASN C 50 10.49 4.58 -1.01
N ILE C 51 10.87 3.44 -0.44
CA ILE C 51 10.95 3.34 1.00
C ILE C 51 12.12 4.19 1.49
N ILE C 52 13.21 4.17 0.74
CA ILE C 52 14.36 4.98 1.14
C ILE C 52 14.02 6.45 1.09
N TYR C 53 13.20 6.84 0.13
CA TYR C 53 12.79 8.21 0.00
C TYR C 53 11.87 8.57 1.17
N ASP C 54 10.97 7.65 1.51
CA ASP C 54 10.02 7.87 2.59
C ASP C 54 10.73 8.00 3.94
N ILE C 55 11.77 7.20 4.13
CA ILE C 55 12.50 7.28 5.38
C ILE C 55 13.28 8.59 5.47
N MET C 56 13.95 8.96 4.39
CA MET C 56 14.72 10.21 4.38
C MET C 56 13.83 11.43 4.59
N MET C 57 12.63 11.41 4.00
CA MET C 57 11.73 12.54 4.12
C MET C 57 10.89 12.55 5.40
N ASN C 58 10.52 11.37 5.89
CA ASN C 58 9.66 11.28 7.06
C ASN C 58 10.21 10.48 8.24
N GLY C 59 11.41 9.93 8.09
CA GLY C 59 11.98 9.14 9.17
C GLY C 59 12.15 9.86 10.50
N ASN C 60 12.29 9.07 11.55
CA ASN C 60 12.49 9.60 12.90
C ASN C 60 13.98 9.57 13.19
N LYS C 61 14.50 10.63 13.82
CA LYS C 61 15.92 10.69 14.16
C LYS C 61 16.13 9.92 15.45
N GLN C 62 17.10 9.02 15.44
CA GLN C 62 17.43 8.21 16.60
C GLN C 62 18.91 7.86 16.57
N SER C 63 19.52 7.75 17.74
CA SER C 63 20.90 7.33 17.83
C SER C 63 20.82 5.98 18.52
N ASP C 64 21.73 5.07 18.16
CA ASP C 64 21.72 3.76 18.77
C ASP C 64 22.52 3.76 20.06
N ARG C 65 22.76 2.56 20.56
CA ARG C 65 23.53 2.35 21.79
C ARG C 65 25.02 2.59 21.51
N THR C 66 25.35 2.82 20.25
CA THR C 66 26.72 3.09 19.83
C THR C 66 26.98 4.59 19.70
N GLY C 67 25.94 5.31 19.30
CA GLY C 67 26.05 6.75 19.10
C GLY C 67 25.76 7.06 17.64
N VAL C 68 25.88 6.04 16.80
CA VAL C 68 25.63 6.19 15.37
C VAL C 68 24.17 6.63 15.23
N GLY C 69 23.91 7.53 14.28
CA GLY C 69 22.56 8.00 14.08
C GLY C 69 21.82 7.40 12.90
N VAL C 70 20.50 7.34 12.99
CA VAL C 70 19.70 6.79 11.92
C VAL C 70 18.37 7.50 11.80
N LEU C 71 17.72 7.27 10.66
CA LEU C 71 16.38 7.79 10.42
C LEU C 71 15.62 6.48 10.35
N SER C 72 14.56 6.36 11.14
CA SER C 72 13.79 5.12 11.16
C SER C 72 12.30 5.33 11.00
N LYS C 73 11.64 4.27 10.55
CA LYS C 73 10.21 4.18 10.32
C LYS C 73 9.83 2.77 10.74
N PHE C 74 8.53 2.49 10.86
CA PHE C 74 8.10 1.18 11.34
C PHE C 74 6.98 0.54 10.53
N GLY C 75 7.31 -0.56 9.83
CA GLY C 75 6.31 -1.28 9.06
C GLY C 75 6.21 -0.93 7.58
N TYR C 76 6.85 -1.73 6.75
CA TYR C 76 6.84 -1.54 5.30
C TYR C 76 6.69 -2.92 4.69
N ILE C 77 6.18 -2.98 3.46
CA ILE C 77 6.04 -4.27 2.79
C ILE C 77 6.44 -4.15 1.31
N MET C 78 7.21 -5.12 0.83
CA MET C 78 7.64 -5.15 -0.57
C MET C 78 7.28 -6.49 -1.20
N LYS C 79 6.92 -6.45 -2.49
CA LYS C 79 6.54 -7.67 -3.18
C LYS C 79 7.28 -7.81 -4.50
N PHE C 80 7.79 -8.99 -4.77
CA PHE C 80 8.52 -9.23 -6.01
C PHE C 80 8.01 -10.47 -6.72
N ASP C 81 7.73 -10.34 -8.00
CA ASP C 81 7.23 -11.48 -8.77
C ASP C 81 8.41 -12.26 -9.31
N LEU C 82 8.78 -13.29 -8.56
CA LEU C 82 9.91 -14.13 -8.93
C LEU C 82 9.68 -14.89 -10.22
N SER C 83 8.42 -14.99 -10.64
CA SER C 83 8.12 -15.70 -11.86
C SER C 83 8.41 -14.82 -13.07
N GLN C 84 8.57 -13.51 -12.83
CA GLN C 84 8.84 -12.56 -13.91
C GLN C 84 10.26 -12.01 -13.91
N TYR C 85 11.03 -12.25 -12.85
CA TYR C 85 12.41 -11.75 -12.75
C TYR C 85 13.09 -12.12 -11.42
N PHE C 86 14.34 -11.69 -11.28
CA PHE C 86 15.10 -11.89 -10.06
C PHE C 86 15.40 -10.47 -9.58
N PRO C 87 14.84 -10.08 -8.42
CA PRO C 87 15.02 -8.74 -7.85
C PRO C 87 16.39 -8.42 -7.26
N LEU C 88 17.40 -8.35 -8.11
CA LEU C 88 18.75 -8.00 -7.69
C LEU C 88 18.88 -6.53 -8.10
N LEU C 89 18.92 -5.63 -7.13
CA LEU C 89 19.00 -4.20 -7.44
C LEU C 89 19.97 -3.83 -8.56
N THR C 90 19.56 -2.89 -9.40
CA THR C 90 20.37 -2.47 -10.52
C THR C 90 20.94 -1.07 -10.34
N THR C 91 20.42 -0.34 -9.35
CA THR C 91 20.90 1.02 -9.12
C THR C 91 22.27 1.07 -8.43
N LYS C 92 22.86 -0.11 -8.25
CA LYS C 92 24.20 -0.21 -7.66
C LYS C 92 24.64 -1.66 -7.83
N LYS C 93 25.95 -1.87 -7.92
CA LYS C 93 26.49 -3.21 -8.11
C LYS C 93 26.44 -4.10 -6.88
N LEU C 94 26.00 -5.33 -7.08
CA LEU C 94 25.90 -6.31 -6.02
C LEU C 94 26.49 -7.64 -6.48
N PHE C 95 27.12 -8.35 -5.54
CA PHE C 95 27.71 -9.66 -5.84
C PHE C 95 26.93 -10.65 -4.99
N LEU C 96 26.76 -11.88 -5.46
CA LEU C 96 25.98 -12.86 -4.69
C LEU C 96 26.71 -14.11 -4.19
N ARG C 97 27.96 -14.30 -4.60
CA ARG C 97 28.71 -15.48 -4.19
C ARG C 97 28.67 -15.66 -2.67
N GLY C 98 28.91 -14.57 -1.96
CA GLY C 98 28.90 -14.59 -0.51
C GLY C 98 27.57 -14.98 0.12
N ILE C 99 26.49 -14.35 -0.33
CA ILE C 99 25.19 -14.65 0.24
C ILE C 99 24.68 -16.04 -0.12
N ILE C 100 25.12 -16.58 -1.25
CA ILE C 100 24.68 -17.92 -1.62
C ILE C 100 25.39 -18.93 -0.73
N GLU C 101 26.68 -18.71 -0.50
CA GLU C 101 27.46 -19.59 0.36
C GLU C 101 26.89 -19.53 1.76
N GLU C 102 26.49 -18.34 2.19
CA GLU C 102 25.91 -18.20 3.52
C GLU C 102 24.64 -19.04 3.59
N LEU C 103 23.87 -19.02 2.50
CA LEU C 103 22.62 -19.76 2.43
C LEU C 103 22.85 -21.26 2.51
N LEU C 104 23.87 -21.74 1.80
CA LEU C 104 24.18 -23.16 1.81
C LEU C 104 24.69 -23.52 3.21
N TRP C 105 25.42 -22.59 3.80
CA TRP C 105 25.98 -22.75 5.13
C TRP C 105 24.81 -22.92 6.10
N PHE C 106 23.77 -22.11 5.95
CA PHE C 106 22.59 -22.22 6.82
C PHE C 106 21.97 -23.59 6.62
N ILE C 107 21.67 -23.91 5.36
CA ILE C 107 21.03 -25.19 5.02
C ILE C 107 21.75 -26.41 5.54
N ARG C 108 23.07 -26.31 5.72
CA ARG C 108 23.83 -27.43 6.24
C ARG C 108 23.73 -27.47 7.77
N GLY C 109 23.19 -26.40 8.36
CA GLY C 109 23.07 -26.35 9.80
C GLY C 109 24.35 -25.88 10.49
N GLU C 110 25.28 -25.33 9.72
CA GLU C 110 26.55 -24.85 10.26
C GLU C 110 26.45 -23.58 11.06
N THR C 111 27.37 -23.43 12.00
CA THR C 111 27.42 -22.25 12.84
C THR C 111 28.90 -21.86 13.02
N ASN C 112 29.75 -22.53 12.24
CA ASN C 112 31.20 -22.33 12.25
C ASN C 112 31.60 -21.23 11.25
N GLY C 113 31.97 -20.07 11.76
CA GLY C 113 32.37 -18.97 10.90
C GLY C 113 33.61 -19.22 10.07
N ASN C 114 34.47 -20.12 10.54
CA ASN C 114 35.68 -20.44 9.81
C ASN C 114 35.35 -20.99 8.42
N THR C 115 34.23 -21.69 8.31
CA THR C 115 33.83 -22.26 7.04
C THR C 115 33.67 -21.20 5.98
N LEU C 116 33.00 -20.11 6.33
CA LEU C 116 32.80 -19.03 5.37
C LEU C 116 34.11 -18.30 5.10
N LEU C 117 34.89 -18.06 6.16
CA LEU C 117 36.16 -17.38 6.00
C LEU C 117 37.14 -18.14 5.10
N ASN C 118 37.04 -19.47 5.10
CA ASN C 118 37.92 -20.27 4.26
C ASN C 118 37.51 -20.12 2.80
N LYS C 119 36.28 -19.68 2.58
CA LYS C 119 35.73 -19.46 1.24
C LYS C 119 35.81 -17.96 0.93
N ASN C 120 36.53 -17.25 1.78
CA ASN C 120 36.72 -15.81 1.63
C ASN C 120 35.42 -15.02 1.67
N VAL C 121 34.50 -15.46 2.51
CA VAL C 121 33.21 -14.80 2.73
C VAL C 121 33.33 -14.23 4.13
N ARG C 122 33.29 -12.90 4.27
CA ARG C 122 33.47 -12.28 5.58
C ARG C 122 32.22 -11.72 6.24
N ILE C 123 31.05 -12.09 5.73
CA ILE C 123 29.78 -11.61 6.26
C ILE C 123 29.68 -11.65 7.80
N TRP C 124 30.15 -12.74 8.40
CA TRP C 124 30.08 -12.90 9.87
C TRP C 124 31.39 -12.74 10.63
N GLU C 125 32.44 -12.30 9.95
CA GLU C 125 33.73 -12.15 10.62
C GLU C 125 33.69 -11.27 11.87
N ALA C 126 33.17 -10.06 11.74
CA ALA C 126 33.14 -9.16 12.89
C ALA C 126 32.31 -9.68 14.07
N ASN C 127 31.31 -10.50 13.78
CA ASN C 127 30.46 -11.04 14.84
C ASN C 127 31.07 -12.23 15.56
N GLY C 128 32.17 -12.73 15.02
CA GLY C 128 32.81 -13.87 15.64
C GLY C 128 34.15 -13.61 16.33
N THR C 129 34.49 -12.34 16.56
CA THR C 129 35.75 -12.03 17.21
C THR C 129 35.73 -12.18 18.73
N ARG C 130 36.91 -12.26 19.31
CA ARG C 130 37.05 -12.38 20.75
C ARG C 130 36.36 -11.18 21.39
N GLU C 131 36.66 -10.00 20.87
CA GLU C 131 36.10 -8.77 21.40
C GLU C 131 34.57 -8.76 21.29
N PHE C 132 34.07 -9.08 20.12
CA PHE C 132 32.63 -9.10 19.93
C PHE C 132 31.95 -10.15 20.81
N LEU C 133 32.52 -11.35 20.88
CA LEU C 133 31.93 -12.40 21.71
C LEU C 133 31.98 -12.03 23.19
N ASP C 134 33.10 -11.47 23.64
CA ASP C 134 33.22 -11.09 25.04
C ASP C 134 32.23 -10.00 25.40
N ASN C 135 31.97 -9.09 24.47
CA ASN C 135 31.02 -8.04 24.76
C ASN C 135 29.58 -8.57 24.79
N ARG C 136 29.36 -9.73 24.17
CA ARG C 136 28.05 -10.39 24.17
C ARG C 136 27.96 -11.25 25.44
N LYS C 137 29.02 -11.19 26.26
CA LYS C 137 29.12 -11.96 27.50
C LYS C 137 29.34 -13.44 27.20
N LEU C 138 29.77 -13.75 25.98
CA LEU C 138 30.03 -15.13 25.60
C LEU C 138 31.51 -15.43 25.79
N PHE C 139 31.96 -15.32 27.04
CA PHE C 139 33.36 -15.54 27.38
C PHE C 139 33.82 -16.97 27.13
N HIS C 140 32.90 -17.92 27.25
CA HIS C 140 33.26 -19.31 27.04
C HIS C 140 33.01 -19.79 25.62
N ARG C 141 32.88 -18.84 24.70
CA ARG C 141 32.65 -19.18 23.31
C ARG C 141 33.92 -19.00 22.47
N GLU C 142 34.25 -20.02 21.67
CA GLU C 142 35.41 -19.98 20.81
C GLU C 142 35.24 -18.98 19.68
N VAL C 143 36.35 -18.35 19.30
CA VAL C 143 36.36 -17.37 18.21
C VAL C 143 35.73 -17.96 16.97
N ASN C 144 34.80 -17.23 16.37
CA ASN C 144 34.09 -17.64 15.16
C ASN C 144 33.02 -18.71 15.38
N ASP C 145 32.77 -19.04 16.65
CA ASP C 145 31.72 -20.00 16.95
C ASP C 145 30.54 -19.08 17.22
N LEU C 146 29.70 -18.90 16.21
CA LEU C 146 28.59 -17.97 16.31
C LEU C 146 27.43 -18.41 17.17
N GLY C 147 27.52 -19.62 17.70
CA GLY C 147 26.45 -20.10 18.56
C GLY C 147 25.24 -20.62 17.80
N PRO C 148 24.12 -20.81 18.49
CA PRO C 148 22.88 -21.33 17.91
C PRO C 148 22.11 -20.34 17.03
N ILE C 149 22.70 -20.00 15.88
CA ILE C 149 22.06 -19.08 14.94
C ILE C 149 21.30 -19.83 13.84
N TYR C 150 20.87 -19.10 12.81
CA TYR C 150 20.09 -19.65 11.70
C TYR C 150 20.26 -21.14 11.41
N GLY C 151 21.45 -21.52 10.97
CA GLY C 151 21.73 -22.91 10.67
C GLY C 151 21.25 -23.84 11.75
N PHE C 152 21.73 -23.64 12.98
CA PHE C 152 21.34 -24.47 14.11
C PHE C 152 19.81 -24.51 14.31
N GLN C 153 19.17 -23.34 14.29
CA GLN C 153 17.72 -23.28 14.49
C GLN C 153 16.91 -23.93 13.37
N TRP C 154 17.39 -23.80 12.13
CA TRP C 154 16.68 -24.40 11.00
C TRP C 154 16.67 -25.94 11.04
N ARG C 155 17.75 -26.54 11.54
CA ARG C 155 17.81 -27.98 11.60
C ARG C 155 17.69 -28.60 13.01
N HIS C 156 17.92 -27.84 14.07
CA HIS C 156 17.90 -28.39 15.43
C HIS C 156 17.26 -27.51 16.48
N PHE C 157 16.26 -26.73 16.09
CA PHE C 157 15.57 -25.87 17.04
C PHE C 157 15.11 -26.67 18.27
N GLY C 158 15.52 -26.21 19.45
CA GLY C 158 15.14 -26.88 20.68
C GLY C 158 16.25 -27.65 21.37
N ALA C 159 17.22 -28.11 20.60
CA ALA C 159 18.34 -28.85 21.18
C ALA C 159 19.23 -27.89 21.98
N GLU C 160 20.04 -28.44 22.87
CA GLU C 160 20.96 -27.64 23.67
C GLU C 160 22.22 -27.41 22.84
N TYR C 161 22.57 -26.16 22.61
CA TYR C 161 23.78 -25.89 21.84
C TYR C 161 25.01 -26.15 22.69
N THR C 162 26.03 -26.77 22.08
CA THR C 162 27.27 -27.05 22.80
C THR C 162 28.38 -26.22 22.17
N ASN C 163 28.84 -26.65 20.99
CA ASN C 163 29.87 -25.92 20.24
C ASN C 163 29.69 -26.18 18.74
N MET C 164 30.32 -25.35 17.92
CA MET C 164 30.20 -25.45 16.47
C MET C 164 30.71 -26.74 15.81
N TYR C 165 31.38 -27.60 16.57
CA TYR C 165 31.91 -28.84 16.01
C TYR C 165 31.04 -30.05 16.32
N ASP C 166 30.06 -29.86 17.20
CA ASP C 166 29.20 -30.96 17.61
C ASP C 166 28.27 -31.47 16.51
N ASN C 167 27.94 -32.74 16.59
CA ASN C 167 27.02 -33.37 15.66
C ASN C 167 25.70 -33.43 16.41
N TYR C 168 24.76 -32.59 16.00
CA TYR C 168 23.45 -32.54 16.65
C TYR C 168 22.43 -33.41 15.94
N GLU C 169 22.90 -34.48 15.28
CA GLU C 169 22.01 -35.35 14.54
C GLU C 169 20.86 -35.91 15.37
N ASN C 170 19.65 -35.73 14.86
CA ASN C 170 18.42 -36.18 15.49
C ASN C 170 18.14 -35.50 16.83
N LYS C 171 18.61 -34.26 16.95
CA LYS C 171 18.42 -33.45 18.15
C LYS C 171 17.67 -32.20 17.70
N GLY C 172 16.65 -31.82 18.47
CA GLY C 172 15.88 -30.65 18.10
C GLY C 172 14.99 -30.87 16.90
N VAL C 173 14.22 -29.86 16.52
CA VAL C 173 13.32 -29.99 15.40
C VAL C 173 13.98 -29.57 14.11
N ASP C 174 13.89 -30.41 13.09
CA ASP C 174 14.44 -30.09 11.78
C ASP C 174 13.28 -29.40 11.03
N GLN C 175 13.17 -28.09 11.22
CA GLN C 175 12.14 -27.28 10.61
C GLN C 175 12.19 -27.32 9.10
N LEU C 176 13.38 -27.15 8.56
CA LEU C 176 13.58 -27.15 7.11
C LEU C 176 12.92 -28.39 6.50
N LYS C 177 13.23 -29.56 7.03
CA LYS C 177 12.65 -30.80 6.53
C LYS C 177 11.14 -30.74 6.63
N ASN C 178 10.66 -30.34 7.81
CA ASN C 178 9.23 -30.26 8.06
C ASN C 178 8.46 -29.38 7.10
N ILE C 179 8.96 -28.19 6.79
CA ILE C 179 8.23 -27.32 5.88
C ILE C 179 8.28 -27.85 4.45
N ILE C 180 9.36 -28.54 4.10
CA ILE C 180 9.48 -29.09 2.76
C ILE C 180 8.44 -30.20 2.60
N ASN C 181 8.17 -30.91 3.69
CA ASN C 181 7.19 -31.99 3.67
C ASN C 181 5.76 -31.47 3.73
N LEU C 182 5.55 -30.36 4.44
CA LEU C 182 4.22 -29.79 4.52
C LEU C 182 3.85 -29.26 3.13
N ILE C 183 4.81 -28.64 2.45
CA ILE C 183 4.57 -28.11 1.12
C ILE C 183 4.22 -29.21 0.10
N LYS C 184 4.90 -30.35 0.21
CA LYS C 184 4.67 -31.48 -0.70
C LYS C 184 3.36 -32.20 -0.46
N ASN C 185 3.10 -32.53 0.81
CA ASN C 185 1.91 -33.27 1.15
C ASN C 185 0.67 -32.49 1.62
N ASP C 186 0.88 -31.36 2.29
CA ASP C 186 -0.25 -30.56 2.78
C ASP C 186 -0.06 -29.09 2.39
N PRO C 187 0.01 -28.81 1.09
CA PRO C 187 0.20 -27.45 0.54
C PRO C 187 -0.75 -26.33 0.95
N THR C 188 -1.94 -26.68 1.44
CA THR C 188 -2.90 -25.66 1.86
C THR C 188 -2.72 -25.29 3.32
N SER C 189 -1.80 -25.99 3.98
CA SER C 189 -1.49 -25.74 5.37
C SER C 189 -1.18 -24.25 5.57
N ARG C 190 -1.50 -23.76 6.76
CA ARG C 190 -1.27 -22.36 7.10
C ARG C 190 -0.30 -22.30 8.28
N ARG C 191 0.51 -23.36 8.38
CA ARG C 191 1.50 -23.50 9.44
C ARG C 191 2.88 -23.74 8.86
N ILE C 192 3.03 -23.46 7.58
CA ILE C 192 4.33 -23.65 6.97
C ILE C 192 5.21 -22.45 7.25
N LEU C 193 5.84 -22.46 8.42
CA LEU C 193 6.73 -21.37 8.82
C LEU C 193 8.09 -21.92 9.25
N LEU C 194 9.12 -21.12 9.03
CA LEU C 194 10.48 -21.45 9.41
C LEU C 194 10.89 -20.29 10.32
N CYS C 195 11.07 -20.56 11.61
CA CYS C 195 11.41 -19.53 12.60
C CYS C 195 12.83 -19.61 13.18
N ALA C 196 13.60 -18.53 13.03
CA ALA C 196 14.97 -18.49 13.53
C ALA C 196 15.04 -17.84 14.91
N TRP C 197 13.99 -17.13 15.27
CA TRP C 197 13.94 -16.46 16.55
C TRP C 197 13.58 -17.39 17.71
N ASN C 198 14.58 -18.13 18.20
CA ASN C 198 14.40 -19.05 19.31
C ASN C 198 14.67 -18.25 20.60
N VAL C 199 13.60 -17.77 21.21
CA VAL C 199 13.66 -16.97 22.42
C VAL C 199 14.62 -17.48 23.51
N LYS C 200 14.72 -18.79 23.64
CA LYS C 200 15.56 -19.40 24.65
C LYS C 200 17.04 -19.29 24.32
N ASP C 201 17.38 -19.36 23.04
CA ASP C 201 18.77 -19.29 22.62
C ASP C 201 19.29 -17.90 22.29
N LEU C 202 18.42 -16.90 22.34
CA LEU C 202 18.83 -15.55 21.99
C LEU C 202 20.18 -15.05 22.54
N ASP C 203 20.36 -15.10 23.86
CA ASP C 203 21.60 -14.62 24.46
C ASP C 203 22.82 -15.46 24.14
N GLN C 204 22.61 -16.63 23.54
CA GLN C 204 23.71 -17.51 23.20
C GLN C 204 24.21 -17.31 21.77
N MET C 205 23.49 -16.52 20.99
CA MET C 205 23.89 -16.28 19.59
C MET C 205 24.80 -15.05 19.56
N ALA C 206 25.73 -15.01 18.61
CA ALA C 206 26.62 -13.86 18.49
C ALA C 206 25.69 -12.64 18.48
N LEU C 207 24.58 -12.76 17.76
CA LEU C 207 23.57 -11.71 17.72
C LEU C 207 22.26 -12.34 17.28
N PRO C 208 21.13 -11.82 17.79
CA PRO C 208 19.79 -12.31 17.46
C PRO C 208 19.51 -12.21 15.96
N PRO C 209 18.73 -13.14 15.41
CA PRO C 209 18.44 -13.09 13.97
C PRO C 209 17.68 -11.85 13.52
N CYS C 210 18.12 -11.26 12.41
CA CYS C 210 17.46 -10.07 11.87
C CYS C 210 16.24 -10.54 11.08
N HIS C 211 16.34 -11.74 10.50
CA HIS C 211 15.24 -12.31 9.71
C HIS C 211 14.54 -13.33 10.60
N ILE C 212 13.45 -12.88 11.20
CA ILE C 212 12.67 -13.67 12.13
C ILE C 212 12.09 -14.97 11.61
N LEU C 213 11.29 -14.88 10.55
CA LEU C 213 10.65 -16.07 10.02
C LEU C 213 10.29 -15.94 8.55
N CYS C 214 9.95 -17.09 7.98
CA CYS C 214 9.55 -17.24 6.59
C CYS C 214 8.26 -18.04 6.62
N GLN C 215 7.23 -17.58 5.95
CA GLN C 215 6.00 -18.35 5.89
C GLN C 215 5.75 -18.63 4.42
N PHE C 216 5.34 -19.85 4.11
CA PHE C 216 5.09 -20.20 2.73
C PHE C 216 3.60 -20.32 2.41
N TYR C 217 3.30 -20.19 1.12
CA TYR C 217 1.95 -20.22 0.58
C TYR C 217 1.98 -20.99 -0.75
N VAL C 218 1.05 -21.92 -0.93
CA VAL C 218 0.99 -22.71 -2.16
C VAL C 218 -0.36 -22.64 -2.85
N PHE C 219 -0.37 -22.20 -4.11
CA PHE C 219 -1.59 -22.15 -4.89
C PHE C 219 -1.32 -22.57 -6.32
N ASP C 220 -2.15 -23.46 -6.84
CA ASP C 220 -2.05 -23.96 -8.20
C ASP C 220 -0.61 -24.22 -8.65
N GLY C 221 0.11 -25.03 -7.90
CA GLY C 221 1.47 -25.38 -8.24
C GLY C 221 2.50 -24.27 -8.16
N LYS C 222 2.13 -23.15 -7.54
CA LYS C 222 3.03 -22.01 -7.39
C LYS C 222 3.32 -21.73 -5.91
N LEU C 223 4.56 -21.37 -5.61
CA LEU C 223 4.96 -21.11 -4.23
C LEU C 223 5.38 -19.66 -3.96
N SER C 224 4.80 -19.06 -2.92
CA SER C 224 5.14 -17.70 -2.52
C SER C 224 5.75 -17.72 -1.12
N CYS C 225 6.50 -16.69 -0.78
CA CYS C 225 7.16 -16.63 0.51
C CYS C 225 7.10 -15.26 1.18
N ILE C 226 6.80 -15.24 2.46
CA ILE C 226 6.76 -14.01 3.24
C ILE C 226 7.94 -14.07 4.23
N MET C 227 8.77 -13.04 4.26
CA MET C 227 9.88 -13.03 5.22
C MET C 227 9.72 -11.78 6.07
N TYR C 228 9.79 -11.96 7.38
CA TYR C 228 9.64 -10.84 8.29
C TYR C 228 10.99 -10.44 8.89
N GLN C 229 11.36 -9.18 8.68
CA GLN C 229 12.65 -8.66 9.19
C GLN C 229 12.41 -7.68 10.35
N ARG C 230 12.95 -7.99 11.51
CA ARG C 230 12.77 -7.13 12.68
C ARG C 230 13.60 -5.85 12.62
N SER C 231 14.79 -5.97 12.06
CA SER C 231 15.67 -4.81 11.95
C SER C 231 16.19 -4.83 10.52
N CYS C 232 16.12 -3.69 9.85
CA CYS C 232 16.55 -3.63 8.46
C CYS C 232 17.40 -2.41 8.15
N ASP C 233 18.64 -2.66 7.75
CA ASP C 233 19.55 -1.59 7.36
C ASP C 233 19.31 -1.42 5.86
N LEU C 234 18.45 -0.46 5.53
CA LEU C 234 18.09 -0.18 4.15
C LEU C 234 19.27 0.03 3.21
N GLY C 235 20.24 0.82 3.65
CA GLY C 235 21.39 1.12 2.82
C GLY C 235 22.32 -0.01 2.43
N LEU C 236 22.58 -0.95 3.34
CA LEU C 236 23.47 -2.06 3.04
C LEU C 236 22.91 -3.45 3.09
N GLY C 237 22.10 -3.75 4.11
CA GLY C 237 21.58 -5.09 4.25
C GLY C 237 20.43 -5.51 3.37
N VAL C 238 19.36 -4.73 3.38
CA VAL C 238 18.17 -5.04 2.61
C VAL C 238 18.46 -5.52 1.18
N PRO C 239 19.33 -4.80 0.43
CA PRO C 239 19.63 -5.22 -0.94
C PRO C 239 19.99 -6.70 -1.00
N PHE C 240 20.86 -7.12 -0.08
CA PHE C 240 21.30 -8.50 0.00
C PHE C 240 20.21 -9.43 0.52
N ASN C 241 19.45 -8.96 1.51
CA ASN C 241 18.38 -9.76 2.09
C ASN C 241 17.32 -10.13 1.04
N ILE C 242 16.99 -9.17 0.17
CA ILE C 242 16.02 -9.42 -0.88
C ILE C 242 16.51 -10.55 -1.78
N ALA C 243 17.80 -10.54 -2.10
CA ALA C 243 18.39 -11.56 -2.94
C ALA C 243 18.41 -12.94 -2.24
N SER C 244 18.90 -12.97 -1.01
CA SER C 244 18.98 -14.22 -0.24
C SER C 244 17.68 -15.00 -0.24
N TYR C 245 16.63 -14.36 0.27
CA TYR C 245 15.36 -15.04 0.35
C TYR C 245 14.67 -15.32 -0.98
N SER C 246 14.94 -14.49 -1.98
CA SER C 246 14.36 -14.74 -3.30
C SER C 246 15.00 -16.04 -3.79
N ILE C 247 16.32 -16.14 -3.63
CA ILE C 247 17.03 -17.34 -4.06
C ILE C 247 16.51 -18.55 -3.29
N PHE C 248 16.34 -18.38 -1.99
CA PHE C 248 15.86 -19.46 -1.14
C PHE C 248 14.48 -19.96 -1.60
N THR C 249 13.57 -19.05 -1.92
CA THR C 249 12.25 -19.43 -2.39
C THR C 249 12.36 -20.26 -3.67
N HIS C 250 13.33 -19.92 -4.52
CA HIS C 250 13.56 -20.66 -5.76
C HIS C 250 13.96 -22.08 -5.40
N MET C 251 14.89 -22.20 -4.45
CA MET C 251 15.36 -23.50 -4.03
C MET C 251 14.22 -24.36 -3.47
N ILE C 252 13.48 -23.82 -2.51
CA ILE C 252 12.37 -24.56 -1.92
C ILE C 252 11.35 -24.97 -2.97
N ALA C 253 11.07 -24.06 -3.90
CA ALA C 253 10.10 -24.33 -4.93
C ALA C 253 10.51 -25.54 -5.76
N GLN C 254 11.75 -25.51 -6.26
CA GLN C 254 12.26 -26.60 -7.08
C GLN C 254 12.24 -27.97 -6.41
N VAL C 255 12.83 -28.09 -5.21
CA VAL C 255 12.84 -29.38 -4.53
C VAL C 255 11.43 -29.88 -4.15
N CYS C 256 10.42 -29.03 -4.34
CA CYS C 256 9.05 -29.41 -4.02
C CYS C 256 8.21 -29.53 -5.28
N ASN C 257 8.85 -29.41 -6.44
CA ASN C 257 8.17 -29.50 -7.73
C ASN C 257 7.12 -28.40 -7.89
N LEU C 258 7.52 -27.16 -7.66
CA LEU C 258 6.60 -26.05 -7.79
C LEU C 258 7.29 -24.92 -8.55
N GLN C 259 6.51 -23.93 -8.96
CA GLN C 259 7.05 -22.77 -9.66
C GLN C 259 7.08 -21.60 -8.67
N PRO C 260 8.15 -20.80 -8.70
CA PRO C 260 8.30 -19.63 -7.82
C PRO C 260 7.30 -18.54 -8.15
N ALA C 261 6.54 -18.09 -7.17
CA ALA C 261 5.58 -17.02 -7.39
C ALA C 261 6.12 -15.73 -6.78
N GLN C 262 5.53 -15.28 -5.67
CA GLN C 262 5.96 -14.05 -5.00
C GLN C 262 6.87 -14.22 -3.84
N PHE C 263 7.66 -13.18 -3.64
CA PHE C 263 8.53 -13.17 -2.48
C PHE C 263 8.06 -11.87 -1.78
N ILE C 264 7.58 -11.97 -0.55
CA ILE C 264 7.09 -10.83 0.18
C ILE C 264 8.00 -10.51 1.34
N HIS C 265 8.45 -9.28 1.36
CA HIS C 265 9.37 -8.79 2.40
C HIS C 265 8.69 -7.79 3.33
N VAL C 266 8.50 -8.19 4.58
CA VAL C 266 7.89 -7.33 5.57
C VAL C 266 8.99 -6.75 6.45
N LEU C 267 9.00 -5.43 6.58
CA LEU C 267 10.01 -4.76 7.37
C LEU C 267 9.44 -4.23 8.67
N GLY C 268 10.09 -4.56 9.77
CA GLY C 268 9.65 -4.07 11.05
C GLY C 268 10.32 -2.73 11.25
N ASN C 269 11.45 -2.71 11.92
CA ASN C 269 12.15 -1.45 12.14
C ASN C 269 13.05 -1.19 10.94
N ALA C 270 12.62 -0.27 10.08
CA ALA C 270 13.38 0.07 8.89
C ALA C 270 14.17 1.33 9.16
N HIS C 271 15.48 1.29 8.92
CA HIS C 271 16.28 2.47 9.17
C HIS C 271 17.38 2.74 8.18
N VAL C 272 17.71 4.01 8.06
CA VAL C 272 18.77 4.47 7.19
C VAL C 272 19.82 5.14 8.08
N TYR C 273 21.08 4.76 7.89
CA TYR C 273 22.17 5.36 8.67
C TYR C 273 22.46 6.75 8.10
N ASN C 274 22.65 7.72 8.99
CA ASN C 274 22.97 9.09 8.55
C ASN C 274 24.18 9.07 7.63
N ASN C 275 25.08 8.12 7.85
CA ASN C 275 26.28 8.00 7.03
C ASN C 275 26.01 7.63 5.57
N HIS C 276 24.91 6.93 5.33
CA HIS C 276 24.57 6.49 3.98
C HIS C 276 23.75 7.52 3.18
N ILE C 277 23.26 8.55 3.83
CA ILE C 277 22.43 9.54 3.14
C ILE C 277 22.96 10.12 1.82
N ASP C 278 24.20 10.59 1.79
CA ASP C 278 24.74 11.15 0.55
C ASP C 278 24.70 10.13 -0.58
N SER C 279 25.11 8.91 -0.27
CA SER C 279 25.14 7.83 -1.25
C SER C 279 23.75 7.39 -1.69
N LEU C 280 22.81 7.33 -0.76
CA LEU C 280 21.45 6.94 -1.11
C LEU C 280 20.84 7.98 -2.06
N LYS C 281 21.19 9.25 -1.87
CA LYS C 281 20.69 10.31 -2.73
C LYS C 281 21.16 10.07 -4.16
N ILE C 282 22.42 9.69 -4.29
CA ILE C 282 23.00 9.41 -5.59
C ILE C 282 22.24 8.29 -6.27
N GLN C 283 22.00 7.22 -5.50
CA GLN C 283 21.29 6.06 -6.00
C GLN C 283 19.87 6.37 -6.48
N LEU C 284 19.09 7.04 -5.65
CA LEU C 284 17.71 7.37 -6.02
C LEU C 284 17.59 8.13 -7.34
N ASN C 285 18.70 8.69 -7.81
CA ASN C 285 18.66 9.44 -9.05
C ASN C 285 19.11 8.62 -10.24
N ARG C 286 19.34 7.34 -10.00
CA ARG C 286 19.73 6.44 -11.07
C ARG C 286 18.47 5.69 -11.50
N ILE C 287 18.31 5.52 -12.80
CA ILE C 287 17.14 4.83 -13.34
C ILE C 287 17.43 3.34 -13.40
N PRO C 288 16.53 2.53 -12.83
CA PRO C 288 16.71 1.07 -12.83
C PRO C 288 16.78 0.47 -14.23
N TYR C 289 17.48 -0.66 -14.34
CA TYR C 289 17.61 -1.40 -15.59
C TYR C 289 16.74 -2.64 -15.40
N PRO C 290 16.33 -3.29 -16.50
CA PRO C 290 15.49 -4.47 -16.28
C PRO C 290 16.25 -5.50 -15.44
N PHE C 291 15.53 -6.14 -14.53
CA PHE C 291 16.13 -7.13 -13.65
C PHE C 291 16.67 -8.31 -14.43
N PRO C 292 17.64 -9.03 -13.82
CA PRO C 292 18.23 -10.21 -14.48
C PRO C 292 17.37 -11.42 -14.15
N THR C 293 17.84 -12.61 -14.49
CA THR C 293 17.12 -13.85 -14.19
C THR C 293 18.01 -14.79 -13.36
N LEU C 294 17.38 -15.70 -12.64
CA LEU C 294 18.11 -16.65 -11.82
C LEU C 294 17.82 -18.07 -12.30
N LYS C 295 18.87 -18.85 -12.52
CA LYS C 295 18.72 -20.22 -12.98
C LYS C 295 19.38 -21.21 -12.03
N LEU C 296 18.61 -22.24 -11.66
CA LEU C 296 19.10 -23.29 -10.77
C LEU C 296 19.33 -24.57 -11.54
N ASN C 297 20.42 -25.26 -11.25
CA ASN C 297 20.67 -26.53 -11.91
C ASN C 297 19.41 -27.34 -11.64
N PRO C 298 18.64 -27.67 -12.68
CA PRO C 298 17.40 -28.43 -12.56
C PRO C 298 17.52 -29.85 -12.04
N ASP C 299 18.73 -30.38 -11.96
CA ASP C 299 18.90 -31.75 -11.48
C ASP C 299 18.81 -31.90 -9.97
N ILE C 300 19.00 -30.80 -9.25
CA ILE C 300 18.94 -30.84 -7.79
C ILE C 300 17.51 -31.08 -7.30
N LYS C 301 17.32 -32.14 -6.52
CA LYS C 301 15.99 -32.48 -6.02
C LYS C 301 15.84 -32.44 -4.49
N ASN C 302 16.95 -32.31 -3.78
CA ASN C 302 16.91 -32.25 -2.32
C ASN C 302 17.54 -30.94 -1.88
N ILE C 303 16.88 -30.25 -0.95
CA ILE C 303 17.35 -28.97 -0.45
C ILE C 303 18.83 -28.97 -0.02
N GLU C 304 19.32 -30.12 0.43
CA GLU C 304 20.71 -30.26 0.87
C GLU C 304 21.76 -30.49 -0.23
N ASP C 305 21.32 -30.84 -1.44
CA ASP C 305 22.25 -31.12 -2.53
C ASP C 305 22.75 -29.96 -3.37
N PHE C 306 22.38 -28.72 -3.03
CA PHE C 306 22.84 -27.57 -3.81
C PHE C 306 24.28 -27.17 -3.51
N THR C 307 24.97 -26.67 -4.53
CA THR C 307 26.35 -26.20 -4.40
C THR C 307 26.48 -24.89 -5.16
N ILE C 308 27.49 -24.11 -4.82
CA ILE C 308 27.71 -22.81 -5.45
C ILE C 308 27.56 -22.76 -6.97
N SER C 309 28.05 -23.78 -7.67
CA SER C 309 27.96 -23.80 -9.13
C SER C 309 26.57 -24.18 -9.64
N ASP C 310 25.62 -24.38 -8.74
CA ASP C 310 24.26 -24.73 -9.14
C ASP C 310 23.43 -23.48 -9.39
N PHE C 311 24.01 -22.32 -9.11
CA PHE C 311 23.34 -21.04 -9.27
C PHE C 311 23.96 -20.16 -10.36
N THR C 312 23.12 -19.59 -11.20
CA THR C 312 23.61 -18.71 -12.27
C THR C 312 22.72 -17.47 -12.41
N ILE C 313 23.33 -16.30 -12.27
CA ILE C 313 22.61 -15.03 -12.43
C ILE C 313 22.88 -14.56 -13.85
N GLN C 314 21.84 -14.54 -14.69
CA GLN C 314 22.01 -14.14 -16.08
C GLN C 314 21.47 -12.76 -16.43
N ASN C 315 22.22 -12.07 -17.28
CA ASN C 315 21.85 -10.75 -17.77
C ASN C 315 21.72 -9.66 -16.72
N TYR C 316 22.64 -9.64 -15.77
CA TYR C 316 22.62 -8.63 -14.73
C TYR C 316 23.24 -7.35 -15.28
N VAL C 317 22.40 -6.36 -15.58
CA VAL C 317 22.86 -5.07 -16.07
C VAL C 317 22.71 -4.17 -14.86
N HIS C 318 23.70 -3.35 -14.56
CA HIS C 318 23.63 -2.52 -13.36
C HIS C 318 24.49 -1.28 -13.41
N HIS C 319 24.20 -0.36 -12.50
CA HIS C 319 24.96 0.88 -12.37
C HIS C 319 26.28 0.61 -11.63
N GLU C 320 27.13 1.62 -11.62
CA GLU C 320 28.44 1.55 -10.97
C GLU C 320 28.27 1.21 -9.49
N LYS C 321 29.26 0.53 -8.93
CA LYS C 321 29.27 0.17 -7.52
C LYS C 321 29.24 1.44 -6.67
N ILE C 322 28.63 1.36 -5.49
CA ILE C 322 28.55 2.53 -4.61
C ILE C 322 28.95 2.19 -3.18
N SER C 323 29.74 3.07 -2.58
CA SER C 323 30.14 2.91 -1.19
C SER C 323 29.17 3.72 -0.35
N MET C 324 28.31 3.01 0.38
CA MET C 324 27.31 3.68 1.22
C MET C 324 27.94 4.59 2.25
N ASP C 325 29.25 4.42 2.46
CA ASP C 325 29.98 5.20 3.45
C ASP C 325 30.70 6.43 2.90
N MET C 326 31.45 6.25 1.82
CA MET C 326 32.22 7.33 1.20
C MET C 326 33.26 7.86 2.16
N ALA C 327 33.58 7.06 3.19
CA ALA C 327 34.57 7.44 4.18
C ALA C 327 35.96 6.92 3.83
N ALA C 328 36.97 7.79 4.00
CA ALA C 328 38.35 7.45 3.70
C ALA C 328 39.28 7.90 4.84
N ASP D 3 -2.03 16.23 -17.64
CA ASP D 3 -2.76 14.93 -17.70
C ASP D 3 -2.71 14.29 -19.09
N ASP D 4 -3.47 14.86 -20.03
CA ASP D 4 -3.54 14.36 -21.40
C ASP D 4 -2.27 13.69 -21.91
N GLU D 5 -1.12 14.38 -21.78
CA GLU D 5 0.15 13.83 -22.23
C GLU D 5 0.39 12.40 -21.72
N GLU D 6 0.64 12.28 -20.42
CA GLU D 6 0.89 10.98 -19.81
C GLU D 6 -0.36 10.14 -19.53
N GLU D 7 -1.53 10.64 -19.91
CA GLU D 7 -2.75 9.88 -19.68
C GLU D 7 -2.72 8.64 -20.58
N ASP D 8 -2.33 8.81 -21.84
CA ASP D 8 -2.26 7.66 -22.75
C ASP D 8 -1.15 6.73 -22.28
N ASP D 9 -0.03 7.31 -21.83
CA ASP D 9 1.08 6.51 -21.34
C ASP D 9 0.60 5.55 -20.24
N PHE D 10 -0.35 6.01 -19.43
CA PHE D 10 -0.90 5.18 -18.36
C PHE D 10 -1.59 3.96 -18.99
N VAL D 11 -2.34 4.18 -20.06
CA VAL D 11 -3.04 3.09 -20.75
C VAL D 11 -2.04 2.07 -21.31
N TYR D 12 -0.90 2.55 -21.80
CA TYR D 12 0.08 1.65 -22.37
C TYR D 12 0.71 0.75 -21.29
N PHE D 13 1.07 1.36 -20.17
CA PHE D 13 1.69 0.62 -19.08
C PHE D 13 0.78 -0.40 -18.42
N ASN D 14 -0.51 -0.35 -18.76
CA ASN D 14 -1.47 -1.30 -18.21
C ASN D 14 -1.94 -2.22 -19.33
N PHE D 15 -1.14 -2.35 -20.38
CA PHE D 15 -1.48 -3.19 -21.53
C PHE D 15 -1.61 -4.67 -21.22
N ASN D 16 -0.92 -5.13 -20.19
CA ASN D 16 -0.97 -6.55 -19.86
C ASN D 16 -1.89 -6.88 -18.70
N LYS D 17 -2.43 -5.84 -18.05
CA LYS D 17 -3.33 -6.05 -16.93
C LYS D 17 -4.52 -6.91 -17.31
N GLU D 18 -5.02 -7.66 -16.34
CA GLU D 18 -6.17 -8.55 -16.54
C GLU D 18 -7.41 -7.68 -16.76
N LYS D 19 -8.13 -7.93 -17.85
CA LYS D 19 -9.33 -7.17 -18.17
C LYS D 19 -10.44 -7.32 -17.14
N GLU D 20 -10.63 -8.54 -16.63
CA GLU D 20 -11.68 -8.80 -15.66
C GLU D 20 -11.13 -9.34 -14.34
N GLU D 21 -11.85 -9.09 -13.25
CA GLU D 21 -11.46 -9.55 -11.92
C GLU D 21 -11.67 -11.06 -11.83
N LYS D 22 -10.70 -11.74 -11.24
CA LYS D 22 -10.74 -13.20 -11.08
C LYS D 22 -12.14 -13.75 -10.81
N ASN D 23 -12.71 -13.43 -9.66
CA ASN D 23 -14.04 -13.91 -9.30
C ASN D 23 -15.14 -12.88 -9.54
N LYS D 24 -14.95 -12.08 -10.59
CA LYS D 24 -15.91 -11.04 -10.96
C LYS D 24 -17.35 -11.56 -11.04
N ASN D 25 -17.57 -12.48 -11.98
CA ASN D 25 -18.89 -13.06 -12.21
C ASN D 25 -19.51 -13.86 -11.08
N SER D 26 -18.71 -14.29 -10.10
CA SER D 26 -19.25 -15.08 -8.99
C SER D 26 -19.56 -14.21 -7.77
N ILE D 27 -19.01 -13.00 -7.73
CA ILE D 27 -19.24 -12.04 -6.64
C ILE D 27 -20.24 -10.94 -7.04
N HIS D 28 -20.24 -10.62 -8.34
CA HIS D 28 -21.14 -9.64 -8.97
C HIS D 28 -21.00 -8.13 -8.81
N PRO D 29 -20.08 -7.64 -7.96
CA PRO D 29 -19.88 -6.21 -7.74
C PRO D 29 -21.08 -5.24 -7.72
N ASN D 30 -22.06 -5.41 -8.60
CA ASN D 30 -23.17 -4.48 -8.54
C ASN D 30 -24.05 -4.71 -7.32
N ASP D 31 -23.69 -5.67 -6.49
CA ASP D 31 -24.42 -5.89 -5.25
C ASP D 31 -23.80 -4.91 -4.25
N PHE D 32 -22.58 -4.48 -4.55
CA PHE D 32 -21.83 -3.54 -3.70
C PHE D 32 -22.07 -2.11 -4.17
N GLN D 33 -23.25 -1.84 -4.70
CA GLN D 33 -23.56 -0.50 -5.20
C GLN D 33 -23.12 0.63 -4.26
N ILE D 34 -23.50 0.52 -2.99
CA ILE D 34 -23.15 1.54 -2.01
C ILE D 34 -21.64 1.65 -1.81
N TYR D 35 -20.96 0.52 -1.79
CA TYR D 35 -19.51 0.49 -1.61
C TYR D 35 -18.78 1.09 -2.81
N ASN D 36 -19.26 0.80 -4.01
CA ASN D 36 -18.62 1.31 -5.21
C ASN D 36 -19.00 2.74 -5.55
N SER D 37 -20.06 3.24 -4.92
CA SER D 37 -20.49 4.61 -5.18
C SER D 37 -19.63 5.61 -4.42
N LEU D 38 -19.00 5.17 -3.34
CA LEU D 38 -18.17 6.04 -2.54
C LEU D 38 -16.94 6.53 -3.31
N LYS D 39 -16.81 7.84 -3.42
CA LYS D 39 -15.68 8.43 -4.12
C LYS D 39 -14.46 8.40 -3.21
N TYR D 40 -14.63 8.92 -2.00
CA TYR D 40 -13.53 8.96 -1.04
C TYR D 40 -13.82 8.10 0.20
N LYS D 41 -12.98 7.10 0.41
CA LYS D 41 -13.12 6.18 1.54
C LYS D 41 -11.85 6.26 2.38
N TYR D 42 -11.74 7.32 3.17
CA TYR D 42 -10.57 7.51 4.01
C TYR D 42 -10.74 7.04 5.44
N HIS D 43 -11.92 6.56 5.78
CA HIS D 43 -12.18 6.07 7.13
C HIS D 43 -11.26 4.87 7.34
N PRO D 44 -10.58 4.79 8.49
CA PRO D 44 -9.66 3.66 8.75
C PRO D 44 -10.29 2.28 8.60
N GLU D 45 -11.59 2.16 8.85
CA GLU D 45 -12.24 0.88 8.74
C GLU D 45 -12.14 0.31 7.34
N TYR D 46 -12.00 1.19 6.34
CA TYR D 46 -11.91 0.73 4.96
C TYR D 46 -10.63 -0.06 4.70
N GLN D 47 -9.68 0.01 5.62
CA GLN D 47 -8.46 -0.76 5.45
C GLN D 47 -8.81 -2.23 5.59
N TYR D 48 -9.84 -2.50 6.40
CA TYR D 48 -10.32 -3.85 6.62
C TYR D 48 -11.26 -4.24 5.48
N LEU D 49 -12.23 -3.37 5.20
CA LEU D 49 -13.22 -3.60 4.15
C LEU D 49 -12.60 -3.75 2.76
N ASN D 50 -11.60 -2.92 2.43
CA ASN D 50 -10.94 -3.01 1.12
C ASN D 50 -10.25 -4.34 0.97
N ILE D 51 -9.82 -4.93 2.08
CA ILE D 51 -9.15 -6.22 2.04
C ILE D 51 -10.19 -7.28 1.75
N ILE D 52 -11.37 -7.13 2.35
CA ILE D 52 -12.47 -8.08 2.14
C ILE D 52 -12.81 -8.07 0.66
N TYR D 53 -12.89 -6.87 0.10
CA TYR D 53 -13.20 -6.67 -1.31
C TYR D 53 -12.12 -7.27 -2.20
N ASP D 54 -10.86 -7.09 -1.84
CA ASP D 54 -9.76 -7.62 -2.65
C ASP D 54 -9.78 -9.14 -2.69
N ILE D 55 -9.99 -9.76 -1.54
CA ILE D 55 -10.03 -11.22 -1.47
C ILE D 55 -11.23 -11.77 -2.24
N MET D 56 -12.41 -11.18 -2.06
CA MET D 56 -13.58 -11.66 -2.78
C MET D 56 -13.37 -11.56 -4.29
N MET D 57 -12.83 -10.42 -4.73
CA MET D 57 -12.61 -10.17 -6.13
C MET D 57 -11.41 -10.85 -6.78
N ASN D 58 -10.35 -11.06 -6.01
CA ASN D 58 -9.16 -11.67 -6.57
C ASN D 58 -8.65 -12.90 -5.83
N GLY D 59 -9.35 -13.29 -4.77
CA GLY D 59 -8.94 -14.44 -3.99
C GLY D 59 -8.82 -15.74 -4.75
N ASN D 60 -7.96 -16.61 -4.26
CA ASN D 60 -7.76 -17.92 -4.88
C ASN D 60 -8.66 -18.95 -4.22
N LYS D 61 -9.42 -19.68 -5.04
CA LYS D 61 -10.31 -20.72 -4.52
C LYS D 61 -9.50 -21.87 -3.96
N GLN D 62 -9.78 -22.25 -2.72
CA GLN D 62 -9.08 -23.36 -2.09
C GLN D 62 -10.02 -24.11 -1.16
N SER D 63 -9.75 -25.40 -0.97
CA SER D 63 -10.55 -26.23 -0.09
C SER D 63 -9.65 -26.95 0.90
N ASP D 64 -9.51 -26.41 2.11
CA ASP D 64 -8.66 -27.08 3.10
C ASP D 64 -9.32 -28.35 3.67
N ARG D 65 -8.47 -29.28 4.10
CA ARG D 65 -8.88 -30.59 4.61
C ARG D 65 -10.33 -30.84 5.06
N THR D 66 -10.92 -29.94 5.84
CA THR D 66 -12.29 -30.14 6.32
C THR D 66 -13.33 -30.20 5.18
N GLY D 67 -12.94 -29.70 4.01
CA GLY D 67 -13.84 -29.68 2.88
C GLY D 67 -14.45 -28.29 2.73
N VAL D 68 -14.26 -27.47 3.76
CA VAL D 68 -14.78 -26.10 3.75
C VAL D 68 -14.08 -25.32 2.65
N GLY D 69 -14.80 -24.39 2.02
CA GLY D 69 -14.21 -23.59 0.96
C GLY D 69 -13.81 -22.20 1.41
N VAL D 70 -12.72 -21.69 0.84
CA VAL D 70 -12.24 -20.36 1.20
C VAL D 70 -11.62 -19.65 0.01
N LEU D 71 -11.48 -18.34 0.14
CA LEU D 71 -10.83 -17.53 -0.87
C LEU D 71 -9.65 -16.95 -0.10
N SER D 72 -8.44 -17.07 -0.64
CA SER D 72 -7.27 -16.57 0.07
C SER D 72 -6.24 -15.81 -0.76
N LYS D 73 -5.59 -14.84 -0.13
CA LYS D 73 -4.52 -14.04 -0.74
C LYS D 73 -3.37 -14.11 0.27
N PHE D 74 -2.18 -13.65 -0.11
CA PHE D 74 -1.02 -13.74 0.78
C PHE D 74 -0.28 -12.42 0.98
N GLY D 75 -0.32 -11.90 2.21
CA GLY D 75 0.38 -10.66 2.51
C GLY D 75 -0.35 -9.34 2.43
N TYR D 76 -0.93 -8.89 3.55
CA TYR D 76 -1.64 -7.62 3.63
C TYR D 76 -1.14 -6.88 4.86
N ILE D 77 -1.34 -5.57 4.89
CA ILE D 77 -0.91 -4.80 6.04
C ILE D 77 -1.91 -3.70 6.37
N MET D 78 -2.27 -3.59 7.65
CA MET D 78 -3.20 -2.56 8.07
C MET D 78 -2.53 -1.73 9.17
N LYS D 79 -2.87 -0.45 9.23
CA LYS D 79 -2.31 0.46 10.23
C LYS D 79 -3.39 1.29 10.88
N PHE D 80 -3.38 1.35 12.20
CA PHE D 80 -4.37 2.12 12.91
C PHE D 80 -3.70 3.11 13.84
N ASP D 81 -4.20 4.33 13.83
CA ASP D 81 -3.65 5.37 14.68
C ASP D 81 -4.38 5.30 16.00
N LEU D 82 -3.77 4.64 16.97
CA LEU D 82 -4.37 4.49 18.29
C LEU D 82 -4.46 5.79 19.08
N SER D 83 -3.77 6.82 18.61
CA SER D 83 -3.81 8.12 19.27
C SER D 83 -5.02 8.94 18.85
N GLN D 84 -5.66 8.53 17.76
CA GLN D 84 -6.84 9.24 17.26
C GLN D 84 -8.13 8.45 17.42
N TYR D 85 -8.03 7.16 17.74
CA TYR D 85 -9.24 6.34 17.88
C TYR D 85 -8.95 4.89 18.23
N PHE D 86 -10.00 4.20 18.68
CA PHE D 86 -9.89 2.80 19.01
C PHE D 86 -10.57 2.12 17.84
N PRO D 87 -9.80 1.31 17.08
CA PRO D 87 -10.34 0.62 15.90
C PRO D 87 -11.29 -0.58 16.09
N LEU D 88 -12.43 -0.34 16.73
CA LEU D 88 -13.40 -1.41 16.92
C LEU D 88 -14.40 -1.27 15.78
N LEU D 89 -14.39 -2.23 14.85
CA LEU D 89 -15.28 -2.19 13.69
C LEU D 89 -16.67 -1.72 14.00
N THR D 90 -17.21 -0.88 13.12
CA THR D 90 -18.54 -0.32 13.31
C THR D 90 -19.57 -0.82 12.31
N THR D 91 -19.12 -1.49 11.25
CA THR D 91 -20.07 -1.99 10.26
C THR D 91 -20.82 -3.23 10.73
N LYS D 92 -20.65 -3.56 12.01
CA LYS D 92 -21.34 -4.68 12.62
C LYS D 92 -21.07 -4.59 14.12
N LYS D 93 -21.82 -5.34 14.92
CA LYS D 93 -21.66 -5.30 16.37
C LYS D 93 -20.60 -6.27 16.89
N LEU D 94 -19.71 -5.77 17.74
CA LEU D 94 -18.65 -6.59 18.35
C LEU D 94 -18.67 -6.46 19.87
N PHE D 95 -18.42 -7.58 20.56
CA PHE D 95 -18.37 -7.62 22.03
C PHE D 95 -16.92 -7.85 22.41
N LEU D 96 -16.43 -7.15 23.44
CA LEU D 96 -15.03 -7.32 23.84
C LEU D 96 -14.71 -7.94 25.18
N ARG D 97 -15.71 -8.26 26.00
CA ARG D 97 -15.42 -8.84 27.32
C ARG D 97 -14.59 -10.11 27.15
N GLY D 98 -15.08 -11.04 26.33
CA GLY D 98 -14.36 -12.26 26.10
C GLY D 98 -12.90 -12.08 25.72
N ILE D 99 -12.62 -11.23 24.74
CA ILE D 99 -11.23 -11.03 24.31
C ILE D 99 -10.36 -10.32 25.33
N ILE D 100 -10.95 -9.52 26.21
CA ILE D 100 -10.16 -8.85 27.23
C ILE D 100 -9.74 -9.91 28.26
N GLU D 101 -10.71 -10.74 28.69
CA GLU D 101 -10.42 -11.80 29.64
C GLU D 101 -9.31 -12.71 29.10
N GLU D 102 -9.37 -13.00 27.80
CA GLU D 102 -8.37 -13.87 27.17
C GLU D 102 -7.01 -13.20 27.32
N LEU D 103 -6.98 -11.90 27.07
CA LEU D 103 -5.76 -11.14 27.18
C LEU D 103 -5.24 -11.20 28.62
N LEU D 104 -6.13 -10.98 29.58
CA LEU D 104 -5.73 -11.02 30.98
C LEU D 104 -5.23 -12.43 31.30
N TRP D 105 -5.88 -13.42 30.70
CA TRP D 105 -5.53 -14.82 30.86
C TRP D 105 -4.10 -15.06 30.33
N PHE D 106 -3.79 -14.53 29.14
CA PHE D 106 -2.45 -14.69 28.57
C PHE D 106 -1.39 -14.09 29.51
N ILE D 107 -1.69 -12.90 30.02
CA ILE D 107 -0.77 -12.18 30.90
C ILE D 107 -0.42 -12.93 32.18
N ARG D 108 -1.38 -13.68 32.71
CA ARG D 108 -1.13 -14.46 33.92
C ARG D 108 -0.35 -15.73 33.55
N GLY D 109 -0.17 -15.97 32.26
CA GLY D 109 0.56 -17.15 31.82
C GLY D 109 -0.23 -18.43 31.92
N GLU D 110 -1.54 -18.33 32.07
CA GLU D 110 -2.39 -19.52 32.18
C GLU D 110 -2.51 -20.31 30.87
N THR D 111 -2.83 -21.58 31.01
CA THR D 111 -3.01 -22.45 29.86
C THR D 111 -4.18 -23.35 30.17
N ASN D 112 -4.85 -23.03 31.28
CA ASN D 112 -6.00 -23.77 31.75
C ASN D 112 -7.28 -23.23 31.13
N GLY D 113 -7.84 -23.99 30.20
CA GLY D 113 -9.06 -23.56 29.56
C GLY D 113 -10.26 -23.37 30.48
N ASN D 114 -10.28 -24.09 31.61
CA ASN D 114 -11.39 -24.00 32.56
C ASN D 114 -11.57 -22.60 33.12
N THR D 115 -10.47 -21.91 33.36
CA THR D 115 -10.55 -20.55 33.89
C THR D 115 -11.43 -19.68 32.98
N LEU D 116 -11.27 -19.85 31.67
CA LEU D 116 -12.06 -19.07 30.73
C LEU D 116 -13.50 -19.55 30.68
N LEU D 117 -13.70 -20.87 30.67
CA LEU D 117 -15.05 -21.41 30.61
C LEU D 117 -15.89 -21.01 31.81
N ASN D 118 -15.29 -20.97 33.00
CA ASN D 118 -16.01 -20.58 34.20
C ASN D 118 -16.38 -19.10 34.20
N LYS D 119 -15.84 -18.35 33.23
CA LYS D 119 -16.15 -16.92 33.08
C LYS D 119 -16.99 -16.81 31.81
N ASN D 120 -17.37 -17.97 31.27
CA ASN D 120 -18.17 -18.06 30.06
C ASN D 120 -17.54 -17.43 28.84
N VAL D 121 -16.22 -17.57 28.73
CA VAL D 121 -15.46 -17.08 27.59
C VAL D 121 -15.15 -18.42 26.93
N ARG D 122 -15.75 -18.67 25.78
CA ARG D 122 -15.58 -19.96 25.13
C ARG D 122 -14.76 -20.01 23.83
N ILE D 123 -13.85 -19.05 23.71
CA ILE D 123 -12.95 -18.91 22.57
C ILE D 123 -12.12 -20.16 22.32
N TRP D 124 -11.70 -20.80 23.40
CA TRP D 124 -10.87 -22.00 23.33
C TRP D 124 -11.56 -23.33 23.70
N GLU D 125 -12.87 -23.31 23.89
CA GLU D 125 -13.59 -24.54 24.26
C GLU D 125 -13.43 -25.69 23.27
N ALA D 126 -13.67 -25.42 21.99
CA ALA D 126 -13.57 -26.49 20.99
C ALA D 126 -12.17 -27.05 20.88
N ASN D 127 -11.18 -26.23 21.20
CA ASN D 127 -9.78 -26.66 21.13
C ASN D 127 -9.36 -27.52 22.32
N GLY D 128 -10.18 -27.56 23.36
CA GLY D 128 -9.84 -28.34 24.54
C GLY D 128 -10.62 -29.61 24.78
N THR D 129 -11.46 -30.03 23.82
CA THR D 129 -12.24 -31.25 24.00
C THR D 129 -11.40 -32.52 23.85
N ARG D 130 -11.86 -33.59 24.49
CA ARG D 130 -11.18 -34.89 24.40
C ARG D 130 -10.93 -35.20 22.93
N GLU D 131 -11.98 -35.08 22.14
CA GLU D 131 -11.93 -35.35 20.69
C GLU D 131 -10.90 -34.51 19.94
N PHE D 132 -10.84 -33.21 20.20
CA PHE D 132 -9.88 -32.38 19.49
C PHE D 132 -8.44 -32.68 19.92
N LEU D 133 -8.23 -32.86 21.22
CA LEU D 133 -6.90 -33.18 21.71
C LEU D 133 -6.45 -34.52 21.14
N ASP D 134 -7.38 -35.48 21.10
CA ASP D 134 -7.06 -36.81 20.58
C ASP D 134 -6.61 -36.72 19.14
N ASN D 135 -7.29 -35.89 18.35
CA ASN D 135 -6.90 -35.77 16.96
C ASN D 135 -5.59 -35.02 16.77
N ARG D 136 -5.17 -34.28 17.78
CA ARG D 136 -3.90 -33.56 17.75
C ARG D 136 -2.85 -34.57 18.24
N LYS D 137 -3.35 -35.75 18.61
CA LYS D 137 -2.53 -36.85 19.12
C LYS D 137 -2.02 -36.53 20.52
N LEU D 138 -2.81 -35.75 21.25
CA LEU D 138 -2.48 -35.37 22.61
C LEU D 138 -3.35 -36.22 23.55
N PHE D 139 -3.16 -37.54 23.43
CA PHE D 139 -3.89 -38.54 24.20
C PHE D 139 -3.64 -38.42 25.70
N HIS D 140 -2.49 -37.86 26.07
CA HIS D 140 -2.16 -37.77 27.48
C HIS D 140 -2.35 -36.37 28.05
N ARG D 141 -3.17 -35.57 27.37
CA ARG D 141 -3.45 -34.21 27.80
C ARG D 141 -4.88 -34.13 28.34
N GLU D 142 -5.02 -33.59 29.54
CA GLU D 142 -6.31 -33.44 30.17
C GLU D 142 -7.20 -32.51 29.37
N VAL D 143 -8.51 -32.76 29.43
CA VAL D 143 -9.49 -31.94 28.75
C VAL D 143 -9.36 -30.48 29.19
N ASN D 144 -9.20 -29.59 28.22
CA ASN D 144 -9.06 -28.16 28.50
C ASN D 144 -7.66 -27.72 28.92
N ASP D 145 -6.69 -28.63 28.89
CA ASP D 145 -5.30 -28.28 29.20
C ASP D 145 -4.76 -27.99 27.79
N LEU D 146 -4.79 -26.72 27.39
CA LEU D 146 -4.38 -26.30 26.06
C LEU D 146 -2.89 -26.44 25.79
N GLY D 147 -2.15 -26.83 26.80
CA GLY D 147 -0.72 -27.02 26.63
C GLY D 147 0.09 -25.73 26.67
N PRO D 148 1.34 -25.78 26.19
CA PRO D 148 2.24 -24.62 26.17
C PRO D 148 1.94 -23.55 25.12
N ILE D 149 0.78 -22.92 25.24
CA ILE D 149 0.37 -21.87 24.30
C ILE D 149 0.72 -20.46 24.79
N TYR D 150 0.15 -19.45 24.13
CA TYR D 150 0.38 -18.04 24.42
C TYR D 150 0.88 -17.66 25.80
N GLY D 151 0.08 -17.92 26.82
CA GLY D 151 0.45 -17.56 28.19
C GLY D 151 1.73 -18.17 28.69
N PHE D 152 1.91 -19.46 28.42
CA PHE D 152 3.10 -20.17 28.85
C PHE D 152 4.34 -19.60 28.16
N GLN D 153 4.26 -19.44 26.84
CA GLN D 153 5.38 -18.91 26.08
C GLN D 153 5.72 -17.47 26.48
N TRP D 154 4.71 -16.68 26.81
CA TRP D 154 4.93 -15.29 27.20
C TRP D 154 5.68 -15.12 28.52
N ARG D 155 5.54 -16.10 29.41
CA ARG D 155 6.19 -16.02 30.71
C ARG D 155 7.22 -17.12 31.00
N HIS D 156 7.17 -18.22 30.26
CA HIS D 156 8.10 -19.33 30.52
C HIS D 156 8.67 -20.00 29.27
N PHE D 157 8.92 -19.22 28.23
CA PHE D 157 9.47 -19.81 27.00
C PHE D 157 10.73 -20.61 27.29
N GLY D 158 10.78 -21.84 26.78
CA GLY D 158 11.94 -22.69 26.98
C GLY D 158 11.80 -23.71 28.09
N ALA D 159 10.88 -23.47 29.02
CA ALA D 159 10.67 -24.42 30.11
C ALA D 159 9.88 -25.64 29.61
N GLU D 160 10.04 -26.76 30.30
CA GLU D 160 9.36 -28.01 29.97
C GLU D 160 7.92 -27.99 30.52
N TYR D 161 6.94 -28.03 29.64
CA TYR D 161 5.54 -28.03 30.08
C TYR D 161 5.17 -29.34 30.77
N THR D 162 4.48 -29.26 31.92
CA THR D 162 4.04 -30.47 32.64
C THR D 162 2.53 -30.54 32.43
N ASN D 163 1.77 -29.80 33.22
CA ASN D 163 0.33 -29.76 33.06
C ASN D 163 -0.11 -28.31 33.34
N MET D 164 -1.40 -28.04 33.22
CA MET D 164 -1.89 -26.68 33.41
C MET D 164 -1.91 -26.21 34.86
N TYR D 165 -1.69 -27.12 35.79
CA TYR D 165 -1.70 -26.79 37.21
C TYR D 165 -0.32 -26.54 37.82
N ASP D 166 0.73 -27.01 37.18
CA ASP D 166 2.08 -26.87 37.71
C ASP D 166 2.53 -25.44 37.97
N ASN D 167 3.46 -25.29 38.91
CA ASN D 167 4.02 -23.98 39.24
C ASN D 167 5.28 -23.83 38.38
N TYR D 168 5.29 -22.84 37.50
CA TYR D 168 6.44 -22.65 36.63
C TYR D 168 7.30 -21.46 37.03
N GLU D 169 7.04 -20.91 38.21
CA GLU D 169 7.76 -19.74 38.69
C GLU D 169 9.28 -19.81 38.58
N ASN D 170 9.84 -18.85 37.86
CA ASN D 170 11.28 -18.73 37.63
C ASN D 170 11.78 -19.67 36.56
N LYS D 171 10.87 -20.38 35.89
CA LYS D 171 11.28 -21.30 34.85
C LYS D 171 11.01 -20.71 33.46
N GLY D 172 11.95 -20.92 32.56
CA GLY D 172 11.80 -20.38 31.22
C GLY D 172 12.07 -18.89 31.20
N VAL D 173 11.95 -18.30 30.02
CA VAL D 173 12.18 -16.88 29.84
C VAL D 173 10.89 -16.09 29.95
N ASP D 174 10.87 -15.06 30.80
CA ASP D 174 9.68 -14.22 30.93
C ASP D 174 9.82 -13.10 29.89
N GLN D 175 9.44 -13.42 28.65
CA GLN D 175 9.50 -12.45 27.54
C GLN D 175 8.76 -11.18 27.86
N LEU D 176 7.55 -11.33 28.41
CA LEU D 176 6.72 -10.18 28.72
C LEU D 176 7.44 -9.16 29.58
N LYS D 177 7.97 -9.64 30.70
CA LYS D 177 8.73 -8.80 31.62
C LYS D 177 9.92 -8.20 30.88
N ASN D 178 10.58 -9.01 30.05
CA ASN D 178 11.75 -8.56 29.29
C ASN D 178 11.45 -7.45 28.29
N ILE D 179 10.41 -7.60 27.47
CA ILE D 179 10.12 -6.57 26.49
C ILE D 179 9.72 -5.29 27.18
N ILE D 180 9.03 -5.41 28.31
CA ILE D 180 8.62 -4.23 29.05
C ILE D 180 9.84 -3.49 29.60
N ASN D 181 10.84 -4.24 30.05
CA ASN D 181 12.06 -3.63 30.56
C ASN D 181 12.88 -3.04 29.41
N LEU D 182 12.84 -3.69 28.25
CA LEU D 182 13.57 -3.15 27.10
C LEU D 182 12.96 -1.82 26.71
N ILE D 183 11.63 -1.75 26.71
CA ILE D 183 10.94 -0.53 26.35
C ILE D 183 11.30 0.62 27.29
N LYS D 184 11.39 0.32 28.58
CA LYS D 184 11.73 1.35 29.58
C LYS D 184 13.18 1.79 29.58
N ASN D 185 14.09 0.84 29.59
CA ASN D 185 15.50 1.18 29.65
C ASN D 185 16.21 1.33 28.32
N ASP D 186 15.75 0.62 27.31
CA ASP D 186 16.39 0.70 26.00
C ASP D 186 15.34 0.76 24.89
N PRO D 187 14.61 1.89 24.79
CA PRO D 187 13.57 2.06 23.77
C PRO D 187 13.99 2.06 22.29
N THR D 188 15.26 2.32 22.00
CA THR D 188 15.71 2.31 20.61
C THR D 188 16.06 0.88 20.18
N SER D 189 16.02 -0.05 21.13
CA SER D 189 16.31 -1.46 20.86
C SER D 189 15.44 -1.99 19.72
N ARG D 190 16.03 -2.79 18.85
CA ARG D 190 15.30 -3.35 17.72
C ARG D 190 15.12 -4.84 17.94
N ARG D 191 15.10 -5.22 19.21
CA ARG D 191 14.95 -6.62 19.61
C ARG D 191 13.75 -6.77 20.54
N ILE D 192 12.94 -5.73 20.62
CA ILE D 192 11.76 -5.77 21.48
C ILE D 192 10.64 -6.61 20.83
N LEU D 193 10.76 -7.93 20.89
CA LEU D 193 9.76 -8.81 20.32
C LEU D 193 9.17 -9.81 21.32
N LEU D 194 7.87 -10.03 21.23
CA LEU D 194 7.19 -11.00 22.09
C LEU D 194 6.78 -12.09 21.10
N CYS D 195 7.42 -13.25 21.17
CA CYS D 195 7.15 -14.36 20.25
C CYS D 195 6.41 -15.54 20.91
N ALA D 196 5.35 -16.01 20.25
CA ALA D 196 4.57 -17.13 20.76
C ALA D 196 4.78 -18.43 19.98
N TRP D 197 5.50 -18.34 18.86
CA TRP D 197 5.77 -19.50 18.02
C TRP D 197 7.05 -20.23 18.44
N ASN D 198 6.95 -21.00 19.52
CA ASN D 198 8.05 -21.79 20.05
C ASN D 198 8.05 -23.08 19.22
N VAL D 199 8.96 -23.18 18.24
CA VAL D 199 9.03 -24.33 17.35
C VAL D 199 9.11 -25.67 18.06
N LYS D 200 9.79 -25.69 19.20
CA LYS D 200 9.96 -26.92 19.95
C LYS D 200 8.65 -27.42 20.60
N ASP D 201 7.79 -26.49 20.98
CA ASP D 201 6.53 -26.85 21.63
C ASP D 201 5.29 -26.92 20.75
N LEU D 202 5.41 -26.59 19.47
CA LEU D 202 4.25 -26.59 18.59
C LEU D 202 3.31 -27.80 18.72
N ASP D 203 3.86 -29.01 18.64
CA ASP D 203 3.04 -30.23 18.73
C ASP D 203 2.37 -30.47 20.08
N GLN D 204 2.85 -29.79 21.12
CA GLN D 204 2.27 -29.96 22.44
C GLN D 204 1.10 -29.03 22.65
N MET D 205 0.98 -28.03 21.78
CA MET D 205 -0.11 -27.05 21.88
C MET D 205 -1.41 -27.61 21.30
N ALA D 206 -2.55 -27.17 21.85
CA ALA D 206 -3.84 -27.64 21.34
C ALA D 206 -3.81 -27.26 19.87
N LEU D 207 -3.23 -26.10 19.57
CA LEU D 207 -3.08 -25.65 18.19
C LEU D 207 -2.01 -24.57 18.14
N PRO D 208 -1.23 -24.53 17.06
CA PRO D 208 -0.16 -23.53 16.89
C PRO D 208 -0.77 -22.14 16.91
N PRO D 209 -0.07 -21.16 17.49
CA PRO D 209 -0.62 -19.79 17.54
C PRO D 209 -0.82 -19.13 16.18
N CYS D 210 -1.94 -18.42 16.03
CA CYS D 210 -2.21 -17.72 14.79
C CYS D 210 -1.40 -16.41 14.84
N HIS D 211 -1.30 -15.83 16.04
CA HIS D 211 -0.54 -14.61 16.24
C HIS D 211 0.92 -14.92 16.62
N ILE D 212 1.75 -14.96 15.60
CA ILE D 212 3.16 -15.31 15.76
C ILE D 212 3.96 -14.46 16.71
N LEU D 213 3.94 -13.15 16.47
CA LEU D 213 4.72 -12.28 17.31
C LEU D 213 4.26 -10.83 17.32
N CYS D 214 4.81 -10.08 18.26
CA CYS D 214 4.52 -8.66 18.39
C CYS D 214 5.86 -7.96 18.44
N GLN D 215 6.03 -6.90 17.65
CA GLN D 215 7.27 -6.16 17.74
C GLN D 215 6.87 -4.76 18.13
N PHE D 216 7.66 -4.14 19.00
CA PHE D 216 7.40 -2.80 19.48
C PHE D 216 8.43 -1.80 18.98
N TYR D 217 8.00 -0.55 18.85
CA TYR D 217 8.81 0.53 18.35
C TYR D 217 8.52 1.74 19.26
N VAL D 218 9.56 2.41 19.72
CA VAL D 218 9.39 3.58 20.58
C VAL D 218 10.06 4.83 20.03
N PHE D 219 9.29 5.88 19.83
CA PHE D 219 9.83 7.14 19.33
C PHE D 219 9.15 8.32 20.00
N ASP D 220 9.96 9.27 20.48
CA ASP D 220 9.47 10.47 21.15
C ASP D 220 8.28 10.25 22.08
N GLY D 221 8.44 9.33 23.04
CA GLY D 221 7.39 9.06 24.00
C GLY D 221 6.16 8.33 23.51
N LYS D 222 6.26 7.69 22.35
CA LYS D 222 5.12 6.97 21.78
C LYS D 222 5.46 5.53 21.47
N LEU D 223 4.49 4.64 21.65
CA LEU D 223 4.69 3.22 21.40
C LEU D 223 3.86 2.71 20.25
N SER D 224 4.54 2.05 19.31
CA SER D 224 3.86 1.46 18.17
C SER D 224 4.06 -0.04 18.24
N CYS D 225 3.15 -0.78 17.62
CA CYS D 225 3.23 -2.24 17.66
C CYS D 225 2.84 -2.93 16.37
N ILE D 226 3.67 -3.90 15.98
CA ILE D 226 3.41 -4.71 14.80
C ILE D 226 3.10 -6.12 15.28
N MET D 227 2.04 -6.70 14.76
CA MET D 227 1.70 -8.06 15.12
C MET D 227 1.67 -8.82 13.81
N TYR D 228 2.28 -9.99 13.76
CA TYR D 228 2.27 -10.77 12.54
C TYR D 228 1.36 -11.97 12.68
N GLN D 229 0.31 -12.03 11.85
CA GLN D 229 -0.62 -13.16 11.92
C GLN D 229 -0.36 -14.12 10.77
N ARG D 230 -0.21 -15.39 11.08
CA ARG D 230 0.04 -16.40 10.04
C ARG D 230 -1.23 -16.84 9.30
N SER D 231 -2.35 -16.89 10.02
CA SER D 231 -3.61 -17.33 9.45
C SER D 231 -4.68 -16.36 9.91
N CYS D 232 -5.44 -15.83 8.95
CA CYS D 232 -6.45 -14.85 9.25
C CYS D 232 -7.82 -15.11 8.66
N ASP D 233 -8.79 -15.33 9.54
CA ASP D 233 -10.15 -15.53 9.09
C ASP D 233 -10.69 -14.11 9.10
N LEU D 234 -10.73 -13.49 7.93
CA LEU D 234 -11.18 -12.12 7.79
C LEU D 234 -12.60 -11.87 8.28
N GLY D 235 -13.50 -12.82 8.02
CA GLY D 235 -14.90 -12.65 8.41
C GLY D 235 -15.23 -12.66 9.88
N LEU D 236 -14.65 -13.61 10.63
CA LEU D 236 -14.92 -13.73 12.06
C LEU D 236 -13.76 -13.37 13.00
N GLY D 237 -12.57 -13.87 12.70
CA GLY D 237 -11.44 -13.61 13.57
C GLY D 237 -10.80 -12.24 13.56
N VAL D 238 -10.31 -11.82 12.39
CA VAL D 238 -9.62 -10.54 12.26
C VAL D 238 -10.23 -9.37 13.03
N PRO D 239 -11.55 -9.17 12.95
CA PRO D 239 -12.15 -8.05 13.68
C PRO D 239 -11.75 -8.08 15.16
N PHE D 240 -11.81 -9.27 15.77
CA PHE D 240 -11.46 -9.43 17.18
C PHE D 240 -9.97 -9.24 17.38
N ASN D 241 -9.19 -9.75 16.42
CA ASN D 241 -7.73 -9.65 16.47
C ASN D 241 -7.26 -8.21 16.56
N ILE D 242 -7.88 -7.34 15.77
CA ILE D 242 -7.53 -5.94 15.75
C ILE D 242 -7.81 -5.31 17.12
N ALA D 243 -9.00 -5.54 17.65
CA ALA D 243 -9.39 -4.99 18.95
C ALA D 243 -8.47 -5.53 20.05
N SER D 244 -8.23 -6.83 20.01
CA SER D 244 -7.39 -7.50 20.99
C SER D 244 -5.97 -6.91 21.13
N TYR D 245 -5.25 -6.78 20.01
CA TYR D 245 -3.90 -6.27 20.08
C TYR D 245 -3.81 -4.75 20.20
N SER D 246 -4.90 -4.05 19.88
CA SER D 246 -4.90 -2.61 20.04
C SER D 246 -4.98 -2.35 21.55
N ILE D 247 -5.76 -3.17 22.24
CA ILE D 247 -5.91 -3.08 23.69
C ILE D 247 -4.56 -3.38 24.37
N PHE D 248 -3.87 -4.39 23.85
CA PHE D 248 -2.58 -4.78 24.39
C PHE D 248 -1.58 -3.63 24.26
N THR D 249 -1.57 -2.99 23.09
CA THR D 249 -0.67 -1.88 22.84
C THR D 249 -0.89 -0.76 23.85
N HIS D 250 -2.15 -0.49 24.16
CA HIS D 250 -2.52 0.53 25.15
C HIS D 250 -1.98 0.08 26.51
N MET D 251 -2.23 -1.16 26.85
CA MET D 251 -1.79 -1.68 28.13
C MET D 251 -0.28 -1.54 28.29
N ILE D 252 0.48 -2.06 27.34
CA ILE D 252 1.94 -1.99 27.38
C ILE D 252 2.40 -0.54 27.42
N ALA D 253 1.75 0.33 26.63
CA ALA D 253 2.10 1.73 26.60
C ALA D 253 1.88 2.43 27.96
N GLN D 254 0.78 2.10 28.63
CA GLN D 254 0.49 2.74 29.91
C GLN D 254 1.45 2.35 31.03
N VAL D 255 1.86 1.08 31.09
CA VAL D 255 2.76 0.63 32.16
C VAL D 255 4.21 1.05 31.92
N CYS D 256 4.48 1.61 30.75
CA CYS D 256 5.82 2.08 30.40
C CYS D 256 5.74 3.60 30.27
N ASN D 257 4.63 4.16 30.71
CA ASN D 257 4.40 5.59 30.64
C ASN D 257 4.69 6.22 29.29
N LEU D 258 4.13 5.60 28.26
CA LEU D 258 4.26 6.06 26.88
C LEU D 258 2.84 6.22 26.36
N GLN D 259 2.66 6.99 25.29
CA GLN D 259 1.34 7.13 24.70
C GLN D 259 1.30 6.16 23.51
N PRO D 260 0.15 5.49 23.30
CA PRO D 260 0.06 4.55 22.18
C PRO D 260 0.06 5.31 20.87
N ALA D 261 0.74 4.77 19.86
CA ALA D 261 0.81 5.43 18.56
C ALA D 261 0.07 4.59 17.52
N GLN D 262 0.77 3.65 16.89
CA GLN D 262 0.15 2.81 15.87
C GLN D 262 0.10 1.33 16.19
N PHE D 263 -0.93 0.67 15.68
CA PHE D 263 -1.05 -0.77 15.79
C PHE D 263 -0.97 -1.19 14.33
N ILE D 264 0.04 -1.97 13.99
CA ILE D 264 0.24 -2.42 12.61
C ILE D 264 -0.04 -3.91 12.52
N HIS D 265 -1.03 -4.25 11.70
CA HIS D 265 -1.45 -5.63 11.53
C HIS D 265 -0.92 -6.20 10.20
N VAL D 266 -0.16 -7.28 10.28
CA VAL D 266 0.39 -7.91 9.09
C VAL D 266 -0.26 -9.28 8.93
N LEU D 267 -0.97 -9.48 7.83
CA LEU D 267 -1.65 -10.73 7.56
C LEU D 267 -0.87 -11.62 6.61
N GLY D 268 -0.74 -12.88 6.99
CA GLY D 268 -0.02 -13.83 6.15
C GLY D 268 -1.06 -14.48 5.25
N ASN D 269 -1.54 -15.66 5.64
CA ASN D 269 -2.55 -16.33 4.83
C ASN D 269 -3.88 -15.70 5.22
N ALA D 270 -4.35 -14.78 4.37
CA ALA D 270 -5.60 -14.08 4.60
C ALA D 270 -6.71 -14.76 3.80
N HIS D 271 -7.77 -15.16 4.49
CA HIS D 271 -8.84 -15.85 3.80
C HIS D 271 -10.23 -15.50 4.27
N VAL D 272 -11.17 -15.68 3.35
CA VAL D 272 -12.58 -15.45 3.61
C VAL D 272 -13.27 -16.78 3.37
N TYR D 273 -14.07 -17.23 4.31
CA TYR D 273 -14.79 -18.48 4.15
C TYR D 273 -15.93 -18.26 3.16
N ASN D 274 -16.26 -19.29 2.39
CA ASN D 274 -17.32 -19.19 1.40
C ASN D 274 -18.70 -18.82 1.95
N ASN D 275 -19.12 -19.41 3.07
CA ASN D 275 -20.43 -19.06 3.57
C ASN D 275 -20.49 -17.74 4.35
N HIS D 276 -19.43 -16.94 4.22
CA HIS D 276 -19.41 -15.64 4.88
C HIS D 276 -19.62 -14.58 3.81
N ILE D 277 -19.36 -14.96 2.56
CA ILE D 277 -19.47 -14.05 1.44
C ILE D 277 -20.76 -13.24 1.39
N ASP D 278 -21.91 -13.86 1.63
CA ASP D 278 -23.17 -13.12 1.62
C ASP D 278 -23.21 -12.12 2.76
N SER D 279 -22.72 -12.52 3.93
CA SER D 279 -22.72 -11.63 5.07
C SER D 279 -21.70 -10.49 4.86
N LEU D 280 -20.55 -10.82 4.28
CA LEU D 280 -19.54 -9.79 4.02
C LEU D 280 -20.06 -8.78 3.00
N LYS D 281 -20.79 -9.24 1.98
CA LYS D 281 -21.35 -8.35 0.96
C LYS D 281 -22.22 -7.32 1.66
N ILE D 282 -23.09 -7.79 2.54
CA ILE D 282 -23.94 -6.91 3.31
C ILE D 282 -23.10 -5.90 4.09
N GLN D 283 -22.00 -6.37 4.69
CA GLN D 283 -21.15 -5.48 5.47
C GLN D 283 -20.50 -4.38 4.61
N LEU D 284 -19.97 -4.78 3.46
CA LEU D 284 -19.33 -3.83 2.56
C LEU D 284 -20.23 -2.66 2.16
N ASN D 285 -21.54 -2.87 2.16
CA ASN D 285 -22.47 -1.82 1.78
C ASN D 285 -22.96 -0.92 2.90
N ARG D 286 -22.35 -1.06 4.07
CA ARG D 286 -22.71 -0.22 5.21
C ARG D 286 -21.61 0.81 5.37
N ILE D 287 -21.99 2.01 5.79
CA ILE D 287 -21.02 3.08 5.97
C ILE D 287 -20.54 3.13 7.41
N PRO D 288 -19.22 3.14 7.59
CA PRO D 288 -18.63 3.18 8.92
C PRO D 288 -19.00 4.43 9.69
N TYR D 289 -19.14 4.28 11.01
CA TYR D 289 -19.44 5.38 11.91
C TYR D 289 -18.08 5.77 12.49
N PRO D 290 -17.98 6.96 13.08
CA PRO D 290 -16.67 7.30 13.64
C PRO D 290 -16.35 6.32 14.77
N PHE D 291 -15.08 5.91 14.87
CA PHE D 291 -14.65 4.98 15.90
C PHE D 291 -14.85 5.49 17.31
N PRO D 292 -14.93 4.57 18.28
CA PRO D 292 -15.11 4.91 19.69
C PRO D 292 -13.71 5.12 20.27
N THR D 293 -13.61 5.25 21.59
CA THR D 293 -12.31 5.42 22.23
C THR D 293 -12.20 4.38 23.33
N LEU D 294 -10.98 4.15 23.80
CA LEU D 294 -10.75 3.19 24.88
C LEU D 294 -10.13 3.92 26.06
N LYS D 295 -10.68 3.74 27.24
CA LYS D 295 -10.13 4.36 28.43
C LYS D 295 -9.72 3.29 29.43
N LEU D 296 -8.47 3.34 29.86
CA LEU D 296 -7.96 2.39 30.83
C LEU D 296 -7.93 3.07 32.18
N ASN D 297 -7.99 2.28 33.24
CA ASN D 297 -7.90 2.83 34.58
C ASN D 297 -6.48 3.39 34.63
N PRO D 298 -6.33 4.71 34.78
CA PRO D 298 -4.99 5.28 34.82
C PRO D 298 -4.11 4.84 35.99
N ASP D 299 -4.71 4.29 37.04
CA ASP D 299 -3.95 3.85 38.22
C ASP D 299 -3.07 2.61 38.02
N ILE D 300 -3.45 1.76 37.07
CA ILE D 300 -2.69 0.53 36.81
C ILE D 300 -1.33 0.82 36.17
N LYS D 301 -0.25 0.46 36.85
CA LYS D 301 1.07 0.71 36.31
C LYS D 301 1.88 -0.56 36.12
N ASN D 302 1.25 -1.70 36.35
CA ASN D 302 1.92 -2.98 36.19
C ASN D 302 1.10 -3.83 35.24
N ILE D 303 1.74 -4.42 34.24
CA ILE D 303 1.05 -5.23 33.24
C ILE D 303 0.20 -6.34 33.85
N GLU D 304 0.56 -6.74 35.07
CA GLU D 304 -0.13 -7.81 35.76
C GLU D 304 -1.26 -7.38 36.69
N ASP D 305 -1.45 -6.08 36.89
CA ASP D 305 -2.50 -5.61 37.79
C ASP D 305 -3.85 -5.26 37.15
N PHE D 306 -3.96 -5.41 35.84
CA PHE D 306 -5.22 -5.13 35.15
C PHE D 306 -6.33 -6.15 35.47
N THR D 307 -7.57 -5.67 35.51
CA THR D 307 -8.73 -6.51 35.77
C THR D 307 -9.81 -6.06 34.79
N ILE D 308 -10.79 -6.92 34.54
CA ILE D 308 -11.85 -6.60 33.59
C ILE D 308 -12.47 -5.21 33.76
N SER D 309 -12.65 -4.76 35.00
CA SER D 309 -13.27 -3.46 35.23
C SER D 309 -12.43 -2.24 34.86
N ASP D 310 -11.13 -2.44 34.57
CA ASP D 310 -10.27 -1.33 34.20
C ASP D 310 -10.35 -0.93 32.72
N PHE D 311 -11.21 -1.60 31.96
CA PHE D 311 -11.36 -1.31 30.54
C PHE D 311 -12.73 -0.72 30.21
N THR D 312 -12.74 0.34 29.43
CA THR D 312 -13.99 0.97 29.07
C THR D 312 -13.98 1.47 27.63
N ILE D 313 -14.94 1.01 26.85
CA ILE D 313 -15.07 1.44 25.45
C ILE D 313 -16.11 2.55 25.49
N GLN D 314 -15.76 3.72 24.95
CA GLN D 314 -16.69 4.85 24.97
C GLN D 314 -17.18 5.31 23.61
N ASN D 315 -18.46 5.65 23.57
CA ASN D 315 -19.09 6.15 22.36
C ASN D 315 -19.00 5.21 21.17
N TYR D 316 -19.27 3.94 21.43
CA TYR D 316 -19.24 2.96 20.35
C TYR D 316 -20.54 3.00 19.57
N VAL D 317 -20.50 3.55 18.36
CA VAL D 317 -21.68 3.62 17.49
C VAL D 317 -21.48 2.59 16.37
N HIS D 318 -22.45 1.69 16.21
CA HIS D 318 -22.32 0.64 15.21
C HIS D 318 -23.62 0.19 14.54
N HIS D 319 -23.48 -0.51 13.43
CA HIS D 319 -24.61 -1.07 12.69
C HIS D 319 -25.02 -2.31 13.47
N GLU D 320 -26.16 -2.91 13.15
CA GLU D 320 -26.56 -4.09 13.90
C GLU D 320 -25.63 -5.27 13.64
N LYS D 321 -25.66 -6.25 14.54
CA LYS D 321 -24.82 -7.43 14.41
C LYS D 321 -25.16 -8.22 13.16
N ILE D 322 -24.16 -8.94 12.64
CA ILE D 322 -24.35 -9.76 11.47
C ILE D 322 -23.88 -11.19 11.76
N SER D 323 -24.67 -12.17 11.34
CA SER D 323 -24.28 -13.57 11.54
C SER D 323 -23.47 -13.92 10.30
N MET D 324 -22.15 -14.01 10.45
CA MET D 324 -21.30 -14.33 9.31
C MET D 324 -21.73 -15.66 8.72
N ASP D 325 -22.13 -16.56 9.61
CA ASP D 325 -22.60 -17.88 9.20
C ASP D 325 -24.10 -17.80 8.96
N MET D 326 -24.46 -17.46 7.74
CA MET D 326 -25.84 -17.30 7.28
C MET D 326 -26.88 -18.38 7.62
N ALA D 327 -26.47 -19.50 8.22
CA ALA D 327 -27.38 -20.62 8.45
C ALA D 327 -28.19 -20.78 9.74
N ALA D 328 -29.12 -21.74 9.66
CA ALA D 328 -30.02 -22.13 10.73
C ALA D 328 -30.73 -23.42 10.32
C1 RJ6 E . 7.94 -3.44 -37.40
C2 RJ6 E . 9.06 -4.07 -37.84
C3 RJ6 E . 10.13 -4.37 -37.09
C4 RJ6 E . 10.09 -3.99 -35.73
C5 RJ6 E . 8.98 -3.34 -35.22
C6 RJ6 E . 7.91 -3.07 -36.06
O7 RJ6 E . 6.97 -3.27 -38.34
C8 RJ6 E . 5.70 -2.71 -38.38
O9 RJ6 E . 11.13 -5.03 -37.74
C10 RJ6 E . 12.07 -5.81 -37.07
N11 RJ6 E . 8.92 -2.96 -33.92
C12 RJ6 E . 9.01 -1.73 -33.32
N13 RJ6 E . 8.98 -1.67 -31.98
C14 RJ6 E . 8.73 -2.58 -31.03
N15 RJ6 E . 8.72 -3.91 -31.29
N16 RJ6 E . 9.13 -0.69 -34.05
N17 RJ6 E . 8.47 -2.17 -29.84
PA NDP F . 15.02 1.33 -42.69
O1A NDP F . 15.27 2.60 -42.05
O2A NDP F . 13.88 0.44 -42.31
O5B NDP F . 14.83 1.64 -44.29
C5B NDP F . 15.73 2.52 -44.93
C4B NDP F . 15.13 2.71 -46.29
O4B NDP F . 13.89 3.47 -46.08
C3B NDP F . 15.89 3.51 -47.27
O3B NDP F . 17.06 2.90 -47.88
C2B NDP F . 14.89 4.12 -48.16
O2B NDP F . 14.29 3.30 -49.16
C1B NDP F . 13.93 4.51 -47.07
N9A NDP F . 14.08 5.87 -46.51
C8A NDP F . 14.58 6.26 -45.23
N7A NDP F . 14.56 7.56 -45.10
C5A NDP F . 14.06 8.06 -46.27
C6A NDP F . 13.80 9.37 -46.75
N6A NDP F . 14.05 10.43 -45.98
N1A NDP F . 13.29 9.52 -48.00
C2A NDP F . 13.03 8.43 -48.77
N3A NDP F . 13.24 7.16 -48.41
C4A NDP F . 13.77 7.04 -47.13
O3 NDP F . 16.26 0.40 -42.76
PN NDP F . 17.48 -0.08 -41.87
O1N NDP F . 18.22 -1.02 -42.72
O2N NDP F . 18.11 1.14 -41.28
O5D NDP F . 16.63 -0.75 -40.69
C5D NDP F . 15.84 -1.98 -40.89
C4D NDP F . 16.42 -3.03 -39.89
O4D NDP F . 16.05 -2.60 -38.60
C3D NDP F . 15.74 -4.39 -40.06
O3D NDP F . 16.67 -5.46 -39.82
C2D NDP F . 14.56 -4.38 -39.14
O2D NDP F . 14.31 -5.71 -38.74
C1D NDP F . 15.19 -3.53 -37.95
N1N NDP F . 14.19 -2.74 -37.16
C2N NDP F . 14.11 -3.07 -35.77
C3N NDP F . 13.16 -2.29 -34.97
C7N NDP F . 13.01 -2.58 -33.52
O7N NDP F . 12.22 -1.96 -32.76
N7N NDP F . 13.74 -3.56 -32.95
C4N NDP F . 12.41 -1.28 -35.61
C5N NDP F . 12.53 -0.99 -36.94
C6N NDP F . 13.41 -1.71 -37.72
P2B NDP F . 14.85 3.08 -50.57
O1X NDP F . 16.10 2.33 -50.33
O2X NDP F . 13.84 2.33 -51.33
O3X NDP F . 15.11 4.43 -51.24
C1 RJ6 G . -21.91 29.51 12.59
C2 RJ6 G . -22.45 29.47 13.85
C3 RJ6 G . -22.51 28.35 14.63
C4 RJ6 G . -21.99 27.18 14.10
C5 RJ6 G . -21.43 27.16 12.83
C6 RJ6 G . -21.39 28.32 12.08
O7 RJ6 G . -21.94 30.74 11.96
C8 RJ6 G . -21.51 31.23 10.72
O9 RJ6 G . -23.08 28.51 15.87
C10 RJ6 G . -23.23 27.70 17.00
N11 RJ6 G . -20.90 26.02 12.31
C12 RJ6 G . -21.40 25.02 11.53
N13 RJ6 G . -20.64 23.92 11.36
C14 RJ6 G . -19.45 23.53 11.85
N15 RJ6 G . -18.96 23.99 13.01
N16 RJ6 G . -22.56 25.14 10.99
N17 RJ6 G . -18.79 22.66 11.18
PA NDP H . -31.82 29.78 12.85
O1A NDP H . -32.18 28.94 11.75
O2A NDP H . -30.40 30.13 13.18
O5B NDP H . -32.61 31.19 12.60
C5B NDP H . -34.03 31.15 12.46
C4B NDP H . -34.41 32.59 12.21
O4B NDP H . -34.09 32.83 10.81
C3B NDP H . -35.82 32.96 12.37
O3B NDP H . -36.42 33.04 13.69
C2B NDP H . -36.13 33.99 11.37
O2B NDP H . -35.95 35.37 11.69
C1B NDP H . -35.25 33.48 10.26
N9A NDP H . -35.97 32.75 9.19
C8A NDP H . -36.24 31.37 9.07
N7A NDP H . -36.91 31.11 7.96
C5A NDP H . -37.09 32.32 7.34
C6A NDP H . -37.72 32.74 6.14
N6A NDP H . -38.30 31.84 5.35
N1A NDP H . -37.72 34.06 5.81
C2A NDP H . -37.12 34.97 6.62
N3A NDP H . -36.50 34.69 7.77
C4A NDP H . -36.52 33.33 8.07
O3 NDP H . -32.45 29.32 14.22
PN NDP H . -32.83 27.97 14.98
O1N NDP H . -33.51 28.36 16.23
O2N NDP H . -33.49 27.08 13.99
O5D NDP H . -31.33 27.38 15.17
C5D NDP H . -30.30 28.11 15.93
C4D NDP H . -29.57 27.09 16.87
O4D NDP H . -28.88 26.22 16.00
C3D NDP H . -28.46 27.79 17.68
O3D NDP H . -28.39 27.26 19.01
C2D NDP H . -27.18 27.65 16.88
O2D NDP H . -26.09 27.59 17.78
C1D NDP H . -27.49 26.21 16.27
N1N NDP H . -26.75 25.94 14.99
C2N NDP H . -25.83 24.88 15.04
C3N NDP H . -25.10 24.58 13.82
C7N NDP H . -24.12 23.47 13.82
O7N NDP H . -23.45 23.12 12.82
N7N NDP H . -23.90 22.75 14.94
C4N NDP H . -25.36 25.36 12.68
C5N NDP H . -26.27 26.39 12.65
C6N NDP H . -26.97 26.69 13.81
P2B NDP H . -37.08 36.29 12.20
O1X NDP H . -36.97 36.16 13.67
O2X NDP H . -36.80 37.67 11.71
O3X NDP H . -38.46 35.80 11.70
N1 UMP I . 21.39 -6.07 9.08
C2 UMP I . 20.62 -6.02 7.86
N3 UMP I . 20.72 -7.19 7.07
C4 UMP I . 21.49 -8.35 7.37
C5 UMP I . 22.23 -8.31 8.65
C6 UMP I . 22.14 -7.14 9.44
O2 UMP I . 19.91 -5.08 7.48
O4 UMP I . 21.53 -9.34 6.63
C1' UMP I . 21.44 -4.93 10.08
C2' UMP I . 20.18 -4.48 10.86
C3' UMP I . 20.75 -3.59 11.97
C4' UMP I . 22.05 -4.26 12.47
O3' UMP I . 21.08 -2.30 11.37
O4' UMP I . 22.41 -5.04 11.23
C5' UMP I . 21.81 -5.23 13.62
O5' UMP I . 21.33 -4.50 14.81
P UMP I . 20.29 -5.10 15.84
OP1 UMP I . 20.42 -4.46 17.15
OP2 UMP I . 18.98 -4.81 15.25
OP3 UMP I . 20.51 -6.52 16.03
N1 UMP J . -8.27 -17.17 13.87
C2 UMP J . -8.29 -15.75 13.62
N3 UMP J . -8.27 -14.97 14.81
C4 UMP J . -8.24 -15.47 16.15
C5 UMP J . -8.21 -16.92 16.29
C6 UMP J . -8.23 -17.71 15.12
O2 UMP J . -8.32 -15.20 12.52
O4 UMP J . -8.23 -14.74 17.13
C1' UMP J . -8.30 -18.22 12.77
C2' UMP J . -7.33 -18.21 11.58
C3' UMP J . -7.59 -19.59 10.95
C4' UMP J . -7.71 -20.60 12.11
O3' UMP J . -8.87 -19.52 10.23
O4' UMP J . -8.14 -19.67 13.19
C5' UMP J . -6.36 -21.22 12.49
O5' UMP J . -6.27 -22.60 11.97
P UMP J . -5.01 -23.17 11.20
OP1 UMP J . -4.52 -22.23 10.20
OP2 UMP J . -4.00 -23.37 12.25
OP3 UMP J . -5.35 -24.41 10.55
#